data_4MDK
#
_entry.id   4MDK
#
_cell.length_a   55.403
_cell.length_b   72.220
_cell.length_c   75.912
_cell.angle_alpha   71.89
_cell.angle_beta   79.63
_cell.angle_gamma   81.61
#
_symmetry.space_group_name_H-M   'P 1'
#
loop_
_entity.id
_entity.type
_entity.pdbx_description
1 polymer 'Ubiquitin-conjugating enzyme E2 R1'
2 polymer Ubiquitin
3 non-polymer "4,5-dideoxy-5-(3',5'-dichlorobiphenyl-4-yl)-4-[(methoxyacetyl)amino]-L-arabinonic acid"
4 water water
#
loop_
_entity_poly.entity_id
_entity_poly.type
_entity_poly.pdbx_seq_one_letter_code
_entity_poly.pdbx_strand_id
1 'polypeptide(L)'
;GSPSSQKALLLELKGLQEEPVEGFRVTLVDEGDLYNWEVAIFGPPNTYYEGGYFKARLKFPIDYPYSPPAFRFLTKMWHP
NIYETGDVCISILHPPVDDPQSGELPSERWNPTQNVRTILLSVISLLNEPNTFSPANVDASVMYRKWKESKGKDREYTDI
IRKQVLGTKVDAERDGVKVP
;
A,B,C,D
2 'polypeptide(L)' GAMGMQIFVKTLTGKTITLEVEPSDTIENVKAKIQDKEGIPPDQQRLIFAGKQLEDGRTLSDYNIQKESTLHLVLRLRGG E,F,G,H
#
loop_
_chem_comp.id
_chem_comp.type
_chem_comp.name
_chem_comp.formula
U94 non-polymer '4,5-dideoxy-5-(3',5'-dichlorobiphenyl-4-yl)-4-[(methoxyacetyl)amino]-L-arabinonic acid' 'C20 H21 Cl2 N O6'
#
# COMPACT_ATOMS: atom_id res chain seq x y z
N PRO A 3 28.48 16.56 -44.16
CA PRO A 3 28.29 15.65 -43.04
C PRO A 3 26.87 15.78 -42.49
N SER A 4 26.40 14.74 -41.83
CA SER A 4 25.05 14.77 -41.30
C SER A 4 24.95 15.73 -40.11
N SER A 5 26.05 15.88 -39.38
CA SER A 5 26.16 16.80 -38.26
C SER A 5 25.63 18.19 -38.58
N GLN A 6 26.26 18.79 -39.59
CA GLN A 6 25.98 20.16 -39.98
C GLN A 6 24.54 20.40 -40.43
N LYS A 7 23.92 19.39 -41.05
CA LYS A 7 22.52 19.48 -41.43
C LYS A 7 21.64 19.34 -40.18
N ALA A 8 22.01 18.37 -39.35
CA ALA A 8 21.27 18.10 -38.12
C ALA A 8 21.22 19.33 -37.21
N LEU A 9 22.38 19.97 -37.04
CA LEU A 9 22.49 21.14 -36.18
C LEU A 9 21.74 22.34 -36.75
N LEU A 10 21.89 22.56 -38.05
CA LEU A 10 21.20 23.66 -38.70
C LEU A 10 19.69 23.52 -38.56
N LEU A 11 19.21 22.28 -38.54
CA LEU A 11 17.78 22.01 -38.45
C LEU A 11 17.23 22.30 -37.04
N GLU A 12 17.94 21.84 -36.03
CA GLU A 12 17.53 22.05 -34.65
C GLU A 12 17.58 23.53 -34.30
N LEU A 13 18.45 24.25 -35.00
CA LEU A 13 18.59 25.67 -34.78
C LEU A 13 17.34 26.41 -35.26
N LYS A 14 16.98 26.17 -36.52
CA LYS A 14 15.81 26.83 -37.09
C LYS A 14 14.55 26.46 -36.31
N GLY A 15 14.48 25.21 -35.85
CA GLY A 15 13.32 24.76 -35.09
C GLY A 15 13.28 25.32 -33.68
N LEU A 16 14.46 25.64 -33.14
CA LEU A 16 14.55 26.25 -31.83
C LEU A 16 14.29 27.74 -31.89
N GLN A 17 14.65 28.35 -33.01
CA GLN A 17 14.38 29.77 -33.22
C GLN A 17 12.94 30.04 -33.67
N GLU A 18 12.33 29.07 -34.34
CA GLU A 18 10.94 29.18 -34.72
C GLU A 18 10.06 28.83 -33.53
N GLU A 19 10.60 28.04 -32.62
CA GLU A 19 9.87 27.65 -31.44
C GLU A 19 10.75 27.57 -30.22
N PRO A 20 11.00 28.72 -29.57
CA PRO A 20 11.94 28.72 -28.45
C PRO A 20 11.43 27.91 -27.27
N VAL A 21 12.37 27.46 -26.44
CA VAL A 21 12.05 26.96 -25.12
C VAL A 21 12.00 28.17 -24.21
N GLU A 22 10.91 28.31 -23.45
CA GLU A 22 10.64 29.53 -22.71
C GLU A 22 11.75 29.89 -21.72
N GLY A 23 12.31 31.09 -21.89
CA GLY A 23 13.38 31.56 -21.02
C GLY A 23 14.76 31.14 -21.49
N PHE A 24 14.86 30.71 -22.75
CA PHE A 24 16.14 30.35 -23.34
C PHE A 24 16.23 30.98 -24.70
N ARG A 25 17.37 31.58 -25.00
CA ARG A 25 17.56 32.07 -26.35
C ARG A 25 18.84 31.56 -26.95
N VAL A 26 18.72 31.12 -28.19
CA VAL A 26 19.75 30.37 -28.88
C VAL A 26 20.33 31.22 -30.01
N THR A 27 21.66 31.23 -30.10
CA THR A 27 22.37 31.97 -31.15
C THR A 27 23.73 31.32 -31.37
N LEU A 28 24.32 31.54 -32.55
CA LEU A 28 25.67 31.06 -32.79
C LEU A 28 26.67 32.07 -32.22
N VAL A 29 27.73 31.56 -31.61
CA VAL A 29 28.83 32.44 -31.25
C VAL A 29 29.29 33.18 -32.49
N ASP A 30 29.75 32.42 -33.48
CA ASP A 30 29.97 32.98 -34.81
C ASP A 30 29.12 32.28 -35.87
N GLU A 31 28.29 33.06 -36.56
CA GLU A 31 27.52 32.59 -37.70
C GLU A 31 28.52 32.00 -38.68
N GLY A 32 28.24 30.79 -39.16
CA GLY A 32 29.21 30.10 -39.99
C GLY A 32 30.13 29.23 -39.15
N ASP A 33 29.74 29.00 -37.90
CA ASP A 33 30.19 27.82 -37.16
C ASP A 33 29.00 27.29 -36.37
N LEU A 34 28.58 26.06 -36.67
CA LEU A 34 27.38 25.50 -36.09
C LEU A 34 27.63 24.60 -34.90
N TYR A 35 28.90 24.38 -34.60
CA TYR A 35 29.23 23.47 -33.50
C TYR A 35 29.35 24.16 -32.15
N ASN A 36 29.31 25.50 -32.15
CA ASN A 36 29.34 26.25 -30.90
C ASN A 36 28.20 27.26 -30.79
N TRP A 37 27.43 27.17 -29.72
CA TRP A 37 26.25 28.00 -29.54
C TRP A 37 26.31 28.86 -28.28
N GLU A 38 25.56 29.95 -28.27
CA GLU A 38 25.38 30.75 -27.07
C GLU A 38 23.97 30.59 -26.55
N VAL A 39 23.85 30.35 -25.24
CA VAL A 39 22.55 30.20 -24.61
C VAL A 39 22.28 31.36 -23.64
N ALA A 40 21.28 32.17 -23.94
CA ALA A 40 20.84 33.20 -22.99
C ALA A 40 19.65 32.69 -22.19
N ILE A 41 19.74 32.84 -20.86
CA ILE A 41 18.82 32.18 -19.95
C ILE A 41 18.26 33.14 -18.90
N PHE A 42 16.93 33.25 -18.85
CA PHE A 42 16.27 34.23 -17.98
C PHE A 42 15.50 33.56 -16.86
N GLY A 43 15.90 33.84 -15.62
CA GLY A 43 15.23 33.28 -14.45
C GLY A 43 13.77 33.70 -14.41
N PRO A 44 12.89 32.76 -14.03
CA PRO A 44 11.44 32.99 -14.06
C PRO A 44 10.94 33.80 -12.88
N PRO A 45 9.85 34.54 -13.07
CA PRO A 45 9.26 35.33 -11.97
C PRO A 45 8.78 34.42 -10.84
N ASN A 46 8.77 34.97 -9.62
CA ASN A 46 8.39 34.25 -8.41
C ASN A 46 9.25 33.03 -8.06
N THR A 47 10.53 33.15 -8.37
CA THR A 47 11.54 32.19 -7.96
C THR A 47 12.68 33.06 -7.46
N TYR A 48 13.65 32.47 -6.79
CA TYR A 48 14.78 33.26 -6.35
C TYR A 48 15.69 33.69 -7.51
N TYR A 49 15.50 33.11 -8.70
CA TYR A 49 16.27 33.47 -9.88
C TYR A 49 15.61 34.64 -10.63
N GLU A 50 14.57 35.19 -10.02
CA GLU A 50 13.74 36.23 -10.62
C GLU A 50 14.52 37.46 -11.10
N GLY A 51 14.34 37.82 -12.37
CA GLY A 51 14.96 39.00 -12.94
C GLY A 51 16.37 38.76 -13.43
N GLY A 52 16.85 37.53 -13.26
CA GLY A 52 18.24 37.21 -13.54
C GLY A 52 18.52 36.80 -14.98
N TYR A 53 19.73 37.11 -15.43
CA TYR A 53 20.15 36.84 -16.80
C TYR A 53 21.41 35.98 -16.78
N PHE A 54 21.36 34.84 -17.46
CA PHE A 54 22.48 33.90 -17.37
C PHE A 54 22.99 33.45 -18.74
N LYS A 55 24.27 33.12 -18.78
CA LYS A 55 24.92 32.78 -20.04
C LYS A 55 25.57 31.41 -20.01
N ALA A 56 25.31 30.61 -21.05
CA ALA A 56 25.96 29.31 -21.20
C ALA A 56 26.36 29.07 -22.65
N ARG A 57 27.20 28.06 -22.85
CA ARG A 57 27.66 27.69 -24.19
C ARG A 57 27.46 26.19 -24.42
N LEU A 58 27.17 25.82 -25.67
CA LEU A 58 27.13 24.42 -26.06
C LEU A 58 28.20 24.15 -27.10
N LYS A 59 28.90 23.02 -26.94
CA LYS A 59 29.88 22.59 -27.94
C LYS A 59 29.51 21.21 -28.45
N PHE A 60 29.39 21.08 -29.78
CA PHE A 60 28.99 19.83 -30.43
C PHE A 60 30.14 19.06 -31.10
N PRO A 61 30.20 17.74 -30.86
CA PRO A 61 31.24 16.91 -31.49
C PRO A 61 31.00 16.65 -32.98
N ILE A 62 32.03 16.17 -33.67
CA ILE A 62 31.99 15.96 -35.11
C ILE A 62 30.90 14.95 -35.52
N ASP A 63 30.62 14.01 -34.63
CA ASP A 63 29.66 12.93 -34.87
C ASP A 63 28.24 13.13 -34.32
N TYR A 64 27.93 14.33 -33.82
CA TYR A 64 26.57 14.60 -33.36
C TYR A 64 25.55 14.22 -34.43
N PRO A 65 24.42 13.61 -34.03
CA PRO A 65 24.02 13.30 -32.65
C PRO A 65 24.35 11.90 -32.18
N TYR A 66 25.52 11.37 -32.54
CA TYR A 66 25.91 10.07 -32.03
C TYR A 66 26.62 10.19 -30.71
N SER A 67 27.31 11.31 -30.56
CA SER A 67 28.01 11.61 -29.33
C SER A 67 27.40 12.89 -28.78
N PRO A 68 27.25 12.96 -27.46
CA PRO A 68 26.59 14.08 -26.76
C PRO A 68 27.47 15.31 -26.70
N PRO A 69 26.84 16.50 -26.79
CA PRO A 69 27.59 17.75 -26.68
C PRO A 69 27.88 18.08 -25.23
N ALA A 70 28.60 19.18 -25.01
CA ALA A 70 28.97 19.65 -23.68
C ALA A 70 28.21 20.94 -23.39
N PHE A 71 27.75 21.10 -22.15
CA PHE A 71 27.00 22.29 -21.74
C PHE A 71 27.70 22.97 -20.57
N ARG A 72 28.12 24.21 -20.77
CA ARG A 72 28.88 24.90 -19.75
C ARG A 72 28.39 26.32 -19.53
N PHE A 73 28.24 26.69 -18.27
CA PHE A 73 27.84 28.04 -17.91
C PHE A 73 29.02 28.98 -17.95
N LEU A 74 28.84 30.12 -18.62
CA LEU A 74 29.78 31.22 -18.51
C LEU A 74 29.53 31.98 -17.22
N THR A 75 28.25 32.14 -16.88
CA THR A 75 27.88 32.73 -15.61
C THR A 75 28.22 31.77 -14.48
N LYS A 76 28.64 32.33 -13.35
CA LYS A 76 29.04 31.54 -12.22
C LYS A 76 27.83 31.12 -11.41
N MET A 77 27.68 29.82 -11.22
CA MET A 77 26.44 29.29 -10.64
C MET A 77 26.68 28.36 -9.46
N TRP A 78 25.92 28.59 -8.40
CA TRP A 78 25.99 27.75 -7.23
C TRP A 78 24.82 26.77 -7.27
N HIS A 79 25.13 25.48 -7.38
CA HIS A 79 24.13 24.48 -7.68
C HIS A 79 24.76 23.11 -7.59
N PRO A 80 24.06 22.15 -6.96
CA PRO A 80 24.63 20.85 -6.61
C PRO A 80 25.14 20.07 -7.83
N ASN A 81 24.51 20.31 -8.97
CA ASN A 81 24.85 19.65 -10.23
C ASN A 81 25.72 20.45 -11.21
N ILE A 82 26.24 21.59 -10.75
CA ILE A 82 27.13 22.39 -11.56
C ILE A 82 28.54 22.49 -10.95
N TYR A 83 29.55 22.20 -11.76
CA TYR A 83 30.94 22.24 -11.31
C TYR A 83 31.46 23.65 -11.14
N GLU A 84 32.70 23.73 -10.65
CA GLU A 84 33.45 24.96 -10.48
C GLU A 84 33.66 25.62 -11.83
N THR A 85 33.88 24.78 -12.84
CA THR A 85 34.17 25.23 -14.19
C THR A 85 32.94 25.75 -14.91
N GLY A 86 31.76 25.42 -14.38
CA GLY A 86 30.51 25.77 -15.03
C GLY A 86 29.93 24.60 -15.82
N ASP A 87 30.56 23.45 -15.71
CA ASP A 87 30.09 22.27 -16.43
C ASP A 87 28.89 21.65 -15.74
N VAL A 88 27.84 21.37 -16.51
CA VAL A 88 26.66 20.73 -15.94
C VAL A 88 26.86 19.22 -15.94
N CYS A 89 26.57 18.60 -14.81
CA CYS A 89 26.57 17.16 -14.75
C CYS A 89 25.11 16.72 -14.84
N ILE A 90 24.77 16.15 -15.98
CA ILE A 90 23.41 15.72 -16.20
C ILE A 90 23.45 14.42 -17.00
N SER A 91 22.80 13.40 -16.47
CA SER A 91 22.97 12.04 -16.95
C SER A 91 22.83 11.89 -18.48
N ILE A 92 21.95 12.68 -19.06
CA ILE A 92 21.62 12.52 -20.47
C ILE A 92 22.72 13.02 -21.40
N LEU A 93 23.70 13.72 -20.82
CA LEU A 93 24.88 14.12 -21.56
C LEU A 93 26.08 13.19 -21.37
N HIS A 94 25.86 12.07 -20.68
CA HIS A 94 26.90 11.05 -20.60
C HIS A 94 26.43 9.77 -21.26
N PRO A 95 27.37 9.04 -21.88
CA PRO A 95 27.07 7.65 -22.23
C PRO A 95 27.00 6.81 -20.96
N PRO A 106 16.16 6.51 -18.41
CA PRO A 106 16.46 5.93 -19.73
C PRO A 106 16.58 7.00 -20.80
N SER A 107 15.48 7.69 -21.08
CA SER A 107 15.52 8.90 -21.90
C SER A 107 16.40 9.94 -21.20
N GLU A 108 16.93 9.54 -20.05
CA GLU A 108 17.94 10.29 -19.29
C GLU A 108 19.40 9.92 -19.61
N ARG A 109 19.65 9.08 -20.61
CA ARG A 109 21.03 8.84 -21.06
C ARG A 109 21.15 9.06 -22.57
N TRP A 110 22.36 9.33 -23.05
CA TRP A 110 22.54 9.80 -24.43
C TRP A 110 22.46 8.73 -25.53
N ASN A 111 21.60 8.98 -26.51
CA ASN A 111 21.52 8.16 -27.71
C ASN A 111 21.07 9.02 -28.92
N PRO A 112 21.31 8.55 -30.15
CA PRO A 112 21.11 9.36 -31.38
C PRO A 112 19.71 9.94 -31.59
N THR A 113 18.73 9.50 -30.82
CA THR A 113 17.40 10.09 -30.87
C THR A 113 17.31 11.43 -30.21
N GLN A 114 18.19 11.66 -29.23
CA GLN A 114 18.13 12.85 -28.40
C GLN A 114 18.49 14.11 -29.17
N ASN A 115 18.11 15.26 -28.63
CA ASN A 115 18.32 16.53 -29.30
C ASN A 115 18.49 17.70 -28.33
N VAL A 116 18.61 18.91 -28.86
CA VAL A 116 18.89 20.06 -28.01
C VAL A 116 17.67 20.49 -27.17
N ARG A 117 16.51 20.52 -27.81
CA ARG A 117 15.28 20.90 -27.13
C ARG A 117 15.10 20.05 -25.87
N THR A 118 15.48 18.79 -25.98
CA THR A 118 15.36 17.83 -24.89
C THR A 118 16.36 18.14 -23.79
N ILE A 119 17.57 18.52 -24.20
CA ILE A 119 18.64 18.83 -23.24
C ILE A 119 18.22 20.01 -22.39
N LEU A 120 17.75 21.06 -23.07
CA LEU A 120 17.30 22.27 -22.40
C LEU A 120 16.21 21.98 -21.37
N LEU A 121 15.15 21.31 -21.81
CA LEU A 121 14.04 20.95 -20.92
C LEU A 121 14.55 20.18 -19.72
N SER A 122 15.53 19.31 -19.95
CA SER A 122 16.13 18.51 -18.88
C SER A 122 16.89 19.37 -17.88
N VAL A 123 17.50 20.45 -18.37
CA VAL A 123 18.26 21.35 -17.52
C VAL A 123 17.32 22.21 -16.67
N ILE A 124 16.23 22.66 -17.27
CA ILE A 124 15.20 23.37 -16.53
C ILE A 124 14.76 22.50 -15.36
N SER A 125 14.52 21.22 -15.64
CA SER A 125 14.12 20.29 -14.61
C SER A 125 15.17 20.25 -13.50
N LEU A 126 16.42 20.27 -13.91
CA LEU A 126 17.53 20.14 -12.98
C LEU A 126 17.73 21.43 -12.17
N LEU A 127 17.45 22.57 -12.80
CA LEU A 127 17.42 23.85 -12.10
C LEU A 127 16.32 23.87 -11.03
N ASN A 128 15.17 23.28 -11.35
CA ASN A 128 14.04 23.21 -10.43
C ASN A 128 14.21 22.22 -9.26
N GLU A 129 14.85 21.08 -9.54
CA GLU A 129 14.87 19.94 -8.63
C GLU A 129 16.23 19.22 -8.68
N PRO A 130 17.24 19.75 -7.96
CA PRO A 130 18.61 19.23 -8.12
C PRO A 130 18.74 17.73 -7.82
N ASN A 131 19.76 17.13 -8.41
CA ASN A 131 20.04 15.73 -8.15
C ASN A 131 20.98 15.73 -6.97
N THR A 132 20.44 15.34 -5.82
CA THR A 132 21.19 15.32 -4.58
C THR A 132 21.71 13.93 -4.28
N PHE A 133 21.38 12.96 -5.13
CA PHE A 133 21.94 11.63 -4.93
C PHE A 133 23.37 11.55 -5.41
N SER A 134 23.64 12.02 -6.62
CA SER A 134 24.98 11.94 -7.18
C SER A 134 25.53 13.31 -7.61
N PRO A 135 25.67 14.24 -6.65
CA PRO A 135 26.01 15.63 -6.98
C PRO A 135 27.49 15.86 -7.30
N ALA A 136 27.72 16.86 -8.15
CA ALA A 136 29.05 17.31 -8.52
C ALA A 136 29.58 18.37 -7.55
N ASN A 137 28.68 18.99 -6.80
CA ASN A 137 29.07 19.94 -5.78
C ASN A 137 28.30 19.59 -4.51
N VAL A 138 28.95 18.96 -3.53
CA VAL A 138 28.15 18.47 -2.42
C VAL A 138 28.04 19.50 -1.30
N ASP A 139 28.87 20.53 -1.37
CA ASP A 139 28.68 21.66 -0.46
C ASP A 139 27.35 22.32 -0.77
N ALA A 140 27.13 22.59 -2.05
CA ALA A 140 25.85 23.11 -2.51
C ALA A 140 24.74 22.10 -2.27
N SER A 141 25.09 20.82 -2.33
CA SER A 141 24.11 19.76 -2.13
C SER A 141 23.66 19.74 -0.68
N VAL A 142 24.63 19.77 0.23
CA VAL A 142 24.35 19.82 1.66
C VAL A 142 23.50 21.03 2.01
N MET A 143 23.91 22.18 1.47
CA MET A 143 23.24 23.45 1.71
C MET A 143 21.81 23.45 1.19
N TYR A 144 21.60 22.82 0.03
CA TYR A 144 20.27 22.74 -0.54
C TYR A 144 19.39 21.83 0.30
N ARG A 145 19.93 20.70 0.71
CA ARG A 145 19.18 19.74 1.50
C ARG A 145 18.81 20.37 2.84
N LYS A 146 19.69 21.21 3.36
CA LYS A 146 19.45 21.92 4.60
C LYS A 146 18.33 22.94 4.44
N TRP A 147 18.39 23.70 3.35
CA TRP A 147 17.35 24.65 3.01
C TRP A 147 15.99 23.96 2.89
N LYS A 148 15.97 22.83 2.21
CA LYS A 148 14.74 22.09 2.02
C LYS A 148 14.19 21.53 3.33
N GLU A 149 15.03 20.79 4.04
CA GLU A 149 14.61 20.12 5.27
C GLU A 149 14.15 21.10 6.35
N SER A 150 14.58 22.34 6.23
CA SER A 150 14.24 23.37 7.21
C SER A 150 13.00 24.18 6.82
N LYS A 151 12.35 23.81 5.70
CA LYS A 151 11.12 24.46 5.26
C LYS A 151 11.28 25.98 5.07
N GLY A 152 12.47 26.41 4.66
CA GLY A 152 12.70 27.82 4.36
C GLY A 152 13.25 28.63 5.52
N LYS A 153 13.36 28.01 6.68
CA LYS A 153 13.88 28.68 7.87
C LYS A 153 15.35 29.06 7.72
N ASP A 154 16.10 28.27 6.96
CA ASP A 154 17.48 28.59 6.64
C ASP A 154 17.52 29.41 5.38
N ARG A 155 18.16 30.58 5.44
CA ARG A 155 18.35 31.43 4.26
C ARG A 155 19.73 31.41 3.58
N GLU A 156 20.65 30.59 4.07
CA GLU A 156 22.00 30.56 3.50
C GLU A 156 22.03 30.22 1.99
N TYR A 157 21.25 29.24 1.54
CA TYR A 157 21.25 28.87 0.13
C TYR A 157 20.65 29.97 -0.75
N THR A 158 19.57 30.57 -0.26
CA THR A 158 18.79 31.50 -1.05
C THR A 158 19.47 32.85 -1.18
N ASP A 159 20.21 33.23 -0.14
CA ASP A 159 20.93 34.50 -0.14
C ASP A 159 21.99 34.52 -1.23
N ILE A 160 22.71 33.41 -1.36
CA ILE A 160 23.68 33.24 -2.44
C ILE A 160 23.05 33.33 -3.83
N ILE A 161 21.89 32.69 -3.98
CA ILE A 161 21.19 32.73 -5.25
C ILE A 161 20.79 34.17 -5.61
N ARG A 162 20.23 34.90 -4.64
CA ARG A 162 19.81 36.29 -4.85
C ARG A 162 20.97 37.16 -5.33
N LYS A 163 22.11 37.01 -4.70
CA LYS A 163 23.27 37.83 -5.02
C LYS A 163 23.77 37.63 -6.44
N GLN A 164 23.95 36.37 -6.84
CA GLN A 164 24.41 36.09 -8.20
C GLN A 164 23.45 36.71 -9.21
N VAL A 165 22.16 36.51 -8.97
CA VAL A 165 21.12 37.08 -9.80
C VAL A 165 21.27 38.59 -9.90
N LEU A 166 21.42 39.23 -8.76
CA LEU A 166 21.59 40.67 -8.69
C LEU A 166 22.83 41.12 -9.46
N GLY A 167 23.88 40.31 -9.39
CA GLY A 167 25.08 40.57 -10.16
C GLY A 167 24.84 40.55 -11.66
N THR A 168 23.90 39.71 -12.12
CA THR A 168 23.76 39.53 -13.56
C THR A 168 23.26 40.79 -14.27
N LYS A 169 22.76 41.74 -13.50
CA LYS A 169 22.24 42.98 -14.07
C LYS A 169 23.34 43.78 -14.72
N VAL A 170 24.57 43.50 -14.31
CA VAL A 170 25.75 44.15 -14.87
C VAL A 170 26.09 43.52 -16.22
N ASP A 171 25.80 42.22 -16.34
CA ASP A 171 26.02 41.52 -17.59
C ASP A 171 25.02 41.92 -18.64
N ALA A 172 23.80 42.17 -18.20
CA ALA A 172 22.71 42.57 -19.08
C ALA A 172 22.95 43.97 -19.65
N GLU A 173 23.28 44.88 -18.75
CA GLU A 173 23.58 46.26 -19.12
C GLU A 173 24.77 46.28 -20.08
N ARG A 174 25.74 45.42 -19.78
CA ARG A 174 26.95 45.33 -20.60
C ARG A 174 26.68 44.70 -21.98
N ASP A 175 25.67 43.84 -22.07
CA ASP A 175 25.31 43.21 -23.33
C ASP A 175 24.18 43.91 -24.05
N GLY A 176 23.62 44.93 -23.41
CA GLY A 176 22.52 45.67 -23.98
C GLY A 176 21.19 44.94 -23.98
N VAL A 177 21.06 43.89 -23.17
CA VAL A 177 19.80 43.15 -23.16
C VAL A 177 18.81 43.66 -22.10
N LYS A 178 17.55 43.82 -22.52
CA LYS A 178 16.51 44.25 -21.60
C LYS A 178 15.80 43.03 -21.00
N VAL A 179 15.83 42.93 -19.69
CA VAL A 179 15.33 41.75 -18.98
C VAL A 179 13.83 41.82 -18.68
N PRO A 180 13.03 40.99 -19.36
CA PRO A 180 11.58 40.98 -19.14
C PRO A 180 11.21 40.28 -17.83
N PRO B 3 -16.80 -8.68 20.30
CA PRO B 3 -15.91 -8.00 19.35
C PRO B 3 -14.85 -8.92 18.75
N SER B 4 -14.62 -8.71 17.45
CA SER B 4 -13.54 -9.41 16.79
C SER B 4 -12.21 -8.84 17.25
N SER B 5 -12.13 -7.52 17.35
CA SER B 5 -10.88 -6.86 17.72
C SER B 5 -10.29 -7.43 19.00
N GLN B 6 -11.14 -7.72 19.98
CA GLN B 6 -10.63 -8.27 21.25
C GLN B 6 -10.23 -9.74 21.12
N LYS B 7 -10.89 -10.48 20.23
CA LYS B 7 -10.51 -11.87 19.96
C LYS B 7 -9.21 -11.92 19.17
N ALA B 8 -9.06 -11.00 18.23
CA ALA B 8 -7.87 -10.93 17.39
C ALA B 8 -6.61 -10.60 18.21
N LEU B 9 -6.75 -9.64 19.12
CA LEU B 9 -5.62 -9.17 19.92
C LEU B 9 -5.19 -10.18 20.97
N LEU B 10 -6.14 -10.96 21.44
CA LEU B 10 -5.88 -12.00 22.41
C LEU B 10 -5.10 -13.12 21.74
N LEU B 11 -5.48 -13.40 20.50
CA LEU B 11 -4.78 -14.41 19.72
C LEU B 11 -3.37 -13.92 19.39
N GLU B 12 -3.22 -12.64 19.08
CA GLU B 12 -1.90 -12.09 18.82
C GLU B 12 -1.08 -12.06 20.11
N LEU B 13 -1.70 -11.67 21.21
CA LEU B 13 -1.01 -11.59 22.50
C LEU B 13 -0.44 -12.95 22.89
N LYS B 14 -1.25 -13.99 22.79
CA LYS B 14 -0.84 -15.34 23.18
C LYS B 14 0.21 -15.88 22.19
N GLY B 15 0.16 -15.42 20.95
CA GLY B 15 1.13 -15.82 19.95
C GLY B 15 2.49 -15.14 20.07
N LEU B 16 2.49 -13.89 20.51
CA LEU B 16 3.73 -13.15 20.71
C LEU B 16 4.41 -13.59 21.99
N GLN B 17 3.62 -14.05 22.94
CA GLN B 17 4.18 -14.64 24.15
C GLN B 17 4.61 -16.08 23.94
N GLU B 18 3.87 -16.82 23.12
CA GLU B 18 4.30 -18.16 22.71
C GLU B 18 5.64 -18.12 22.00
N GLU B 19 5.69 -17.49 20.83
CA GLU B 19 6.97 -17.31 20.13
C GLU B 19 7.29 -15.84 19.96
N PRO B 20 7.98 -15.27 20.95
CA PRO B 20 8.34 -13.85 20.98
C PRO B 20 9.31 -13.43 19.90
N VAL B 21 9.37 -12.12 19.74
CA VAL B 21 10.33 -11.48 18.88
C VAL B 21 11.52 -11.23 19.78
N GLU B 22 12.68 -11.79 19.43
CA GLU B 22 13.75 -11.65 20.39
C GLU B 22 14.19 -10.18 20.50
N GLY B 23 14.31 -9.76 21.75
CA GLY B 23 14.59 -8.38 22.10
C GLY B 23 13.37 -7.62 22.58
N PHE B 24 12.17 -8.10 22.21
CA PHE B 24 10.95 -7.42 22.61
C PHE B 24 10.13 -8.30 23.53
N ARG B 25 9.55 -7.69 24.54
CA ARG B 25 8.69 -8.39 25.46
C ARG B 25 7.40 -7.64 25.62
N VAL B 26 6.31 -8.39 25.51
CA VAL B 26 4.99 -7.82 25.44
C VAL B 26 4.15 -8.26 26.64
N THR B 27 3.39 -7.30 27.18
CA THR B 27 2.49 -7.50 28.32
C THR B 27 1.42 -6.43 28.24
N LEU B 28 0.34 -6.63 29.00
CA LEU B 28 -0.71 -5.62 29.10
C LEU B 28 -0.36 -4.55 30.12
N VAL B 29 -0.75 -3.31 29.85
CA VAL B 29 -0.74 -2.28 30.87
C VAL B 29 -1.63 -2.74 32.02
N ASP B 30 -2.93 -2.84 31.72
CA ASP B 30 -3.89 -3.41 32.64
C ASP B 30 -4.52 -4.64 32.02
N GLU B 31 -4.52 -5.75 32.76
CA GLU B 31 -5.44 -6.83 32.43
C GLU B 31 -6.72 -6.22 32.96
N GLY B 32 -7.88 -6.49 32.38
CA GLY B 32 -8.13 -7.23 31.17
C GLY B 32 -8.29 -6.29 30.00
N ASP B 33 -7.66 -5.12 30.07
CA ASP B 33 -7.71 -4.20 28.94
C ASP B 33 -6.74 -4.72 27.88
N LEU B 34 -7.29 -5.06 26.73
CA LEU B 34 -6.55 -5.67 25.63
C LEU B 34 -6.04 -4.64 24.64
N TYR B 35 -6.46 -3.39 24.83
CA TYR B 35 -6.15 -2.35 23.87
C TYR B 35 -4.92 -1.49 24.23
N ASN B 36 -4.27 -1.82 25.34
CA ASN B 36 -3.05 -1.12 25.73
C ASN B 36 -1.92 -2.07 26.14
N TRP B 37 -0.85 -2.04 25.36
CA TRP B 37 0.23 -2.99 25.55
C TRP B 37 1.48 -2.27 26.04
N GLU B 38 2.26 -2.98 26.86
CA GLU B 38 3.53 -2.49 27.35
CA GLU B 38 3.54 -2.46 27.30
C GLU B 38 4.64 -3.27 26.63
N VAL B 39 5.62 -2.56 26.08
CA VAL B 39 6.72 -3.24 25.41
C VAL B 39 8.04 -2.95 26.10
N ALA B 40 8.67 -3.98 26.63
CA ALA B 40 10.05 -3.87 27.10
C ALA B 40 10.99 -4.25 25.95
N ILE B 41 11.97 -3.38 25.68
CA ILE B 41 12.85 -3.54 24.54
C ILE B 41 14.31 -3.48 24.95
N PHE B 42 15.06 -4.52 24.57
CA PHE B 42 16.41 -4.71 25.06
C PHE B 42 17.48 -4.57 23.98
N GLY B 43 18.49 -3.75 24.26
CA GLY B 43 19.59 -3.54 23.32
C GLY B 43 20.53 -4.73 23.16
N PRO B 44 20.76 -5.16 21.91
CA PRO B 44 21.67 -6.27 21.56
C PRO B 44 23.13 -5.95 21.81
N PRO B 45 23.88 -6.96 22.28
CA PRO B 45 25.33 -6.86 22.47
C PRO B 45 26.05 -6.55 21.17
N ASN B 46 27.26 -5.99 21.29
CA ASN B 46 28.06 -5.52 20.16
C ASN B 46 27.40 -4.41 19.33
N THR B 47 26.47 -3.70 19.93
CA THR B 47 25.90 -2.49 19.34
C THR B 47 25.93 -1.38 20.38
N TYR B 48 25.69 -0.16 19.93
CA TYR B 48 25.71 0.98 20.84
C TYR B 48 24.49 1.02 21.77
N TYR B 49 23.54 0.12 21.55
CA TYR B 49 22.41 -0.04 22.44
C TYR B 49 22.61 -1.13 23.50
N GLU B 50 23.80 -1.75 23.49
CA GLU B 50 24.10 -2.86 24.40
C GLU B 50 23.80 -2.51 25.86
N GLY B 51 23.07 -3.38 26.54
CA GLY B 51 22.80 -3.22 27.96
C GLY B 51 21.60 -2.34 28.26
N GLY B 52 21.07 -1.69 27.23
CA GLY B 52 19.95 -0.77 27.38
C GLY B 52 18.57 -1.41 27.56
N TYR B 53 17.72 -0.73 28.32
CA TYR B 53 16.38 -1.20 28.60
C TYR B 53 15.39 -0.13 28.19
N PHE B 54 14.59 -0.40 27.17
CA PHE B 54 13.70 0.64 26.67
C PHE B 54 12.23 0.27 26.82
N LYS B 55 11.41 1.30 26.92
CA LYS B 55 9.99 1.13 27.18
C LYS B 55 9.16 1.87 26.15
N ALA B 56 8.23 1.16 25.54
CA ALA B 56 7.30 1.79 24.62
C ALA B 56 5.89 1.27 24.89
N ARG B 57 4.92 1.78 24.14
CA ARG B 57 3.56 1.27 24.24
C ARG B 57 2.83 1.23 22.93
N LEU B 58 1.86 0.33 22.85
CA LEU B 58 0.94 0.26 21.73
C LEU B 58 -0.46 0.60 22.22
N LYS B 59 -1.12 1.50 21.50
CA LYS B 59 -2.52 1.82 21.73
C LYS B 59 -3.27 1.29 20.51
N PHE B 60 -4.25 0.42 20.72
CA PHE B 60 -5.04 -0.17 19.64
C PHE B 60 -6.41 0.48 19.50
N PRO B 61 -6.77 0.90 18.27
CA PRO B 61 -8.11 1.44 18.04
C PRO B 61 -9.10 0.28 18.17
N ILE B 62 -10.37 0.54 18.43
CA ILE B 62 -11.26 -0.59 18.62
C ILE B 62 -11.72 -1.22 17.32
N ASP B 63 -11.53 -0.50 16.22
CA ASP B 63 -11.94 -1.02 14.92
C ASP B 63 -10.84 -1.90 14.32
N TYR B 64 -9.80 -2.16 15.11
CA TYR B 64 -8.68 -2.98 14.68
C TYR B 64 -9.16 -4.29 14.06
N PRO B 65 -8.47 -4.75 12.99
CA PRO B 65 -7.42 -4.02 12.27
C PRO B 65 -7.86 -3.19 11.06
N TYR B 66 -8.90 -2.36 11.17
CA TYR B 66 -9.26 -1.51 10.04
C TYR B 66 -8.57 -0.16 10.18
N SER B 67 -7.94 0.00 11.33
CA SER B 67 -7.06 1.12 11.58
C SER B 67 -5.85 0.59 12.34
N PRO B 68 -4.70 1.25 12.16
CA PRO B 68 -3.47 0.80 12.82
C PRO B 68 -3.40 1.17 14.29
N PRO B 69 -2.50 0.51 15.03
CA PRO B 69 -2.18 0.95 16.38
C PRO B 69 -1.39 2.26 16.37
N ALA B 70 -1.06 2.75 17.56
CA ALA B 70 -0.09 3.82 17.71
C ALA B 70 1.06 3.25 18.52
N PHE B 71 2.28 3.43 18.03
CA PHE B 71 3.46 2.95 18.75
C PHE B 71 4.23 4.16 19.24
N ARG B 72 4.54 4.22 20.53
CA ARG B 72 5.48 5.24 20.99
C ARG B 72 6.33 4.87 22.20
N PHE B 73 7.56 5.40 22.20
CA PHE B 73 8.52 5.14 23.25
C PHE B 73 8.27 6.06 24.43
N LEU B 74 8.26 5.49 25.63
CA LEU B 74 8.23 6.32 26.83
C LEU B 74 9.62 6.83 27.13
N THR B 75 10.60 5.92 27.07
CA THR B 75 11.99 6.29 27.18
C THR B 75 12.29 7.29 26.08
N LYS B 76 13.12 8.26 26.39
CA LYS B 76 13.42 9.34 25.46
C LYS B 76 14.51 8.89 24.46
N MET B 77 14.24 9.03 23.17
CA MET B 77 15.09 8.41 22.14
C MET B 77 15.58 9.35 21.04
N TRP B 78 16.89 9.36 20.82
CA TRP B 78 17.48 10.10 19.73
C TRP B 78 17.72 9.15 18.55
N HIS B 79 17.07 9.43 17.42
CA HIS B 79 17.04 8.52 16.29
C HIS B 79 16.27 9.21 15.18
N PRO B 80 16.74 9.07 13.93
CA PRO B 80 16.19 9.84 12.81
C PRO B 80 14.70 9.61 12.61
N ASN B 81 14.24 8.40 12.87
CA ASN B 81 12.86 8.01 12.63
C ASN B 81 11.94 8.11 13.85
N ILE B 82 12.46 8.64 14.95
CA ILE B 82 11.67 8.79 16.16
C ILE B 82 11.39 10.27 16.50
N TYR B 83 10.11 10.62 16.61
CA TYR B 83 9.71 12.00 16.92
C TYR B 83 10.03 12.40 18.35
N GLU B 84 10.08 13.71 18.58
CA GLU B 84 10.42 14.25 19.90
C GLU B 84 9.46 13.75 20.97
N THR B 85 8.25 13.39 20.56
CA THR B 85 7.23 12.91 21.48
C THR B 85 7.31 11.41 21.70
N GLY B 86 8.13 10.73 20.89
CA GLY B 86 8.27 9.29 21.01
C GLY B 86 7.57 8.47 19.93
N ASP B 87 6.76 9.13 19.09
CA ASP B 87 6.04 8.42 18.03
C ASP B 87 6.98 8.01 16.91
N VAL B 88 6.96 6.72 16.58
CA VAL B 88 7.72 6.18 15.46
C VAL B 88 7.01 6.36 14.10
N CYS B 89 7.76 6.45 13.01
CA CYS B 89 7.14 6.51 11.68
C CYS B 89 7.45 5.32 10.76
N ILE B 90 6.45 4.46 10.59
CA ILE B 90 6.57 3.19 9.87
C ILE B 90 6.37 3.20 8.34
N SER B 91 7.05 2.29 7.64
CA SER B 91 6.71 2.01 6.24
C SER B 91 5.85 0.75 6.09
N ILE B 92 5.53 0.41 4.84
CA ILE B 92 4.49 -0.59 4.50
C ILE B 92 3.12 -0.17 5.01
N TRP B 110 -1.15 1.38 6.14
CA TRP B 110 -1.83 0.32 6.88
C TRP B 110 -2.97 -0.33 6.09
N ASN B 111 -3.09 -1.66 6.26
CA ASN B 111 -4.19 -2.44 5.72
C ASN B 111 -4.63 -3.49 6.74
N PRO B 112 -5.88 -3.97 6.67
CA PRO B 112 -6.36 -5.03 7.57
C PRO B 112 -5.54 -6.32 7.67
N THR B 113 -4.74 -6.69 6.68
CA THR B 113 -3.98 -7.95 6.77
C THR B 113 -2.71 -7.87 7.62
N GLN B 114 -2.23 -6.65 7.86
CA GLN B 114 -1.05 -6.43 8.70
C GLN B 114 -1.34 -6.71 10.18
N ASN B 115 -0.29 -6.99 10.96
CA ASN B 115 -0.41 -7.29 12.38
C ASN B 115 0.71 -6.70 13.24
N VAL B 116 0.68 -7.00 14.54
CA VAL B 116 1.66 -6.47 15.49
C VAL B 116 3.07 -6.97 15.21
N ARG B 117 3.19 -8.26 14.90
CA ARG B 117 4.50 -8.87 14.70
C ARG B 117 5.30 -8.12 13.63
N THR B 118 4.62 -7.77 12.55
CA THR B 118 5.22 -7.02 11.46
C THR B 118 5.73 -5.66 11.91
N ILE B 119 4.98 -5.03 12.82
CA ILE B 119 5.32 -3.70 13.30
C ILE B 119 6.59 -3.76 14.11
N LEU B 120 6.64 -4.70 15.03
CA LEU B 120 7.79 -4.88 15.89
C LEU B 120 9.04 -5.11 15.05
N LEU B 121 8.94 -6.03 14.09
CA LEU B 121 10.05 -6.32 13.19
C LEU B 121 10.41 -5.09 12.36
N SER B 122 9.40 -4.34 11.95
CA SER B 122 9.63 -3.10 11.24
C SER B 122 10.43 -2.13 12.11
N VAL B 123 10.05 -2.03 13.38
CA VAL B 123 10.78 -1.16 14.30
C VAL B 123 12.22 -1.64 14.40
N ILE B 124 12.39 -2.95 14.52
CA ILE B 124 13.74 -3.52 14.61
C ILE B 124 14.56 -3.15 13.39
N SER B 125 13.93 -3.17 12.22
CA SER B 125 14.64 -2.81 11.01
C SER B 125 15.10 -1.35 11.08
N LEU B 126 14.21 -0.48 11.55
CA LEU B 126 14.52 0.94 11.62
C LEU B 126 15.66 1.22 12.61
N LEU B 127 15.60 0.57 13.78
CA LEU B 127 16.66 0.67 14.76
C LEU B 127 18.03 0.28 14.17
N ASN B 128 18.09 -0.85 13.48
CA ASN B 128 19.34 -1.25 12.84
C ASN B 128 19.72 -0.27 11.76
N GLU B 129 18.73 0.11 10.97
CA GLU B 129 18.96 0.82 9.73
C GLU B 129 18.03 2.02 9.58
N PRO B 130 18.46 3.20 10.04
CA PRO B 130 17.60 4.39 9.97
C PRO B 130 17.25 4.78 8.54
N ASN B 131 16.11 5.46 8.37
CA ASN B 131 15.67 5.99 7.07
C ASN B 131 15.96 7.49 7.03
N THR B 132 16.96 7.89 6.26
CA THR B 132 17.33 9.29 6.20
C THR B 132 16.72 10.05 5.03
N PHE B 133 15.90 9.37 4.22
CA PHE B 133 15.17 10.04 3.16
C PHE B 133 13.99 10.82 3.74
N SER B 134 13.26 10.17 4.64
CA SER B 134 12.07 10.78 5.24
C SER B 134 12.16 10.82 6.77
N PRO B 135 13.10 11.61 7.30
CA PRO B 135 13.36 11.63 8.76
C PRO B 135 12.26 12.34 9.55
N ALA B 136 11.98 11.82 10.74
CA ALA B 136 11.07 12.49 11.67
C ALA B 136 11.83 13.60 12.38
N ASN B 137 13.08 13.31 12.72
CA ASN B 137 13.96 14.22 13.42
C ASN B 137 15.18 14.50 12.55
N VAL B 138 15.28 15.72 12.03
CA VAL B 138 16.33 16.04 11.05
C VAL B 138 17.71 16.16 11.68
N ASP B 139 17.77 16.75 12.87
CA ASP B 139 19.03 16.89 13.58
C ASP B 139 19.68 15.54 13.82
N ALA B 140 18.86 14.56 14.16
CA ALA B 140 19.35 13.21 14.42
C ALA B 140 19.75 12.52 13.12
N SER B 141 18.93 12.72 12.09
CA SER B 141 19.19 12.14 10.78
C SER B 141 20.48 12.70 10.19
N VAL B 142 20.66 14.01 10.31
CA VAL B 142 21.85 14.66 9.80
C VAL B 142 23.08 14.15 10.53
N MET B 143 22.96 14.09 11.85
CA MET B 143 24.06 13.69 12.71
C MET B 143 24.49 12.28 12.36
N TYR B 144 23.50 11.42 12.16
CA TYR B 144 23.73 10.01 11.84
C TYR B 144 24.50 9.91 10.54
N ARG B 145 24.07 10.73 9.59
CA ARG B 145 24.73 10.80 8.30
C ARG B 145 26.21 11.14 8.44
N LYS B 146 26.52 12.11 9.30
CA LYS B 146 27.91 12.44 9.52
C LYS B 146 28.63 11.28 10.22
N TRP B 147 27.97 10.65 11.18
CA TRP B 147 28.55 9.49 11.87
C TRP B 147 28.95 8.41 10.87
N LYS B 148 28.01 8.08 9.99
CA LYS B 148 28.18 6.98 9.03
C LYS B 148 29.37 7.23 8.11
N GLU B 149 29.51 8.46 7.64
CA GLU B 149 30.47 8.81 6.60
C GLU B 149 31.85 9.01 7.15
N SER B 150 31.91 9.25 8.46
CA SER B 150 33.17 9.38 9.14
C SER B 150 33.60 7.96 9.49
N LYS B 151 32.82 6.99 8.99
CA LYS B 151 33.00 5.56 9.21
C LYS B 151 32.85 5.25 10.68
N GLY B 152 32.01 6.04 11.33
CA GLY B 152 31.74 5.88 12.74
C GLY B 152 32.94 6.22 13.58
N LYS B 153 33.78 7.15 13.10
CA LYS B 153 34.79 7.78 13.95
C LYS B 153 34.40 9.13 14.58
N ASP B 154 33.30 9.72 14.11
CA ASP B 154 32.82 10.99 14.66
C ASP B 154 31.79 10.58 15.69
N ARG B 155 32.13 10.79 16.96
CA ARG B 155 31.46 10.09 18.05
C ARG B 155 30.28 10.84 18.63
N GLU B 156 29.94 11.96 18.01
CA GLU B 156 28.85 12.79 18.50
C GLU B 156 27.52 12.05 18.67
N TYR B 157 27.05 11.39 17.60
CA TYR B 157 25.79 10.65 17.62
C TYR B 157 25.82 9.48 18.60
N THR B 158 26.91 8.73 18.59
CA THR B 158 26.99 7.54 19.42
C THR B 158 27.08 7.89 20.90
N ASP B 159 27.65 9.04 21.22
CA ASP B 159 27.73 9.50 22.60
C ASP B 159 26.35 9.77 23.20
N ILE B 160 25.45 10.33 22.40
CA ILE B 160 24.11 10.62 22.90
C ILE B 160 23.38 9.31 23.17
N ILE B 161 23.54 8.35 22.26
CA ILE B 161 22.90 7.06 22.41
C ILE B 161 23.38 6.38 23.69
N ARG B 162 24.70 6.36 23.87
CA ARG B 162 25.29 5.68 25.03
C ARG B 162 24.83 6.31 26.34
N LYS B 163 24.61 7.62 26.32
CA LYS B 163 24.12 8.31 27.51
C LYS B 163 22.71 7.89 27.89
N GLN B 164 21.84 7.86 26.89
CA GLN B 164 20.48 7.37 27.05
C GLN B 164 20.48 5.94 27.59
N VAL B 165 21.35 5.11 27.04
CA VAL B 165 21.46 3.72 27.49
C VAL B 165 21.80 3.67 28.98
N LEU B 166 22.83 4.42 29.36
CA LEU B 166 23.29 4.46 30.75
C LEU B 166 22.13 4.88 31.67
N GLY B 167 21.37 5.88 31.22
CA GLY B 167 20.26 6.38 32.00
C GLY B 167 19.19 5.34 32.32
N THR B 168 18.99 4.37 31.42
CA THR B 168 17.89 3.41 31.59
C THR B 168 18.13 2.43 32.74
N LYS B 169 19.37 2.41 33.22
CA LYS B 169 19.72 1.62 34.40
C LYS B 169 18.84 2.04 35.57
N VAL B 170 18.52 3.33 35.63
CA VAL B 170 17.68 3.84 36.69
C VAL B 170 16.26 3.34 36.47
N ASP B 171 15.81 3.36 35.23
CA ASP B 171 14.50 2.82 34.89
C ASP B 171 14.36 1.33 35.23
N ALA B 172 15.38 0.55 34.87
CA ALA B 172 15.34 -0.89 35.07
C ALA B 172 15.37 -1.24 36.54
N GLU B 173 16.14 -0.46 37.30
CA GLU B 173 16.24 -0.70 38.72
C GLU B 173 14.90 -0.43 39.35
N ARG B 174 14.29 0.66 38.90
CA ARG B 174 12.99 1.07 39.41
C ARG B 174 11.86 0.10 39.02
N ASP B 175 11.96 -0.50 37.83
CA ASP B 175 10.97 -1.46 37.36
C ASP B 175 11.22 -2.88 37.85
N GLY B 176 12.39 -3.10 38.45
CA GLY B 176 12.73 -4.40 38.98
C GLY B 176 13.21 -5.38 37.91
N VAL B 177 13.67 -4.87 36.78
CA VAL B 177 14.08 -5.78 35.71
C VAL B 177 15.60 -5.92 35.62
N LYS B 178 16.05 -7.15 35.42
CA LYS B 178 17.46 -7.43 35.25
C LYS B 178 17.75 -7.64 33.78
N VAL B 179 18.61 -6.78 33.21
CA VAL B 179 19.01 -6.96 31.82
C VAL B 179 19.82 -8.25 31.70
N PRO B 180 19.58 -9.02 30.63
CA PRO B 180 20.32 -10.27 30.41
C PRO B 180 21.61 -10.04 29.62
N PRO C 3 6.93 -11.59 -16.52
CA PRO C 3 7.86 -12.67 -16.08
C PRO C 3 8.01 -12.88 -14.59
N SER C 4 7.30 -12.15 -13.73
CA SER C 4 7.37 -12.49 -12.31
C SER C 4 6.50 -13.71 -12.00
N SER C 5 5.41 -13.86 -12.74
CA SER C 5 4.57 -15.04 -12.65
C SER C 5 5.31 -16.24 -13.22
N GLN C 6 6.13 -16.00 -14.22
CA GLN C 6 6.92 -17.07 -14.81
C GLN C 6 7.95 -17.65 -13.82
N LYS C 7 8.58 -16.80 -13.02
CA LYS C 7 9.45 -17.32 -11.96
C LYS C 7 8.58 -17.94 -10.87
N ALA C 8 7.43 -17.34 -10.59
CA ALA C 8 6.53 -17.86 -9.56
C ALA C 8 6.09 -19.30 -9.84
N LEU C 9 5.77 -19.58 -11.11
CA LEU C 9 5.22 -20.88 -11.45
C LEU C 9 6.28 -21.98 -11.44
N LEU C 10 7.49 -21.63 -11.87
CA LEU C 10 8.62 -22.56 -11.87
C LEU C 10 8.96 -23.02 -10.46
N LEU C 11 8.94 -22.08 -9.53
CA LEU C 11 9.29 -22.35 -8.15
C LEU C 11 8.23 -23.24 -7.47
N GLU C 12 6.96 -22.99 -7.78
CA GLU C 12 5.88 -23.87 -7.32
C GLU C 12 5.97 -25.27 -7.91
N LEU C 13 6.27 -25.36 -9.19
CA LEU C 13 6.38 -26.65 -9.89
C LEU C 13 7.44 -27.55 -9.23
N LYS C 14 8.58 -26.98 -8.89
CA LYS C 14 9.65 -27.73 -8.26
C LYS C 14 9.31 -28.13 -6.84
N GLY C 15 8.77 -27.19 -6.06
CA GLY C 15 8.39 -27.47 -4.69
C GLY C 15 7.44 -28.64 -4.62
N LEU C 16 6.53 -28.70 -5.58
CA LEU C 16 5.58 -29.79 -5.66
C LEU C 16 6.21 -31.04 -6.25
N GLN C 17 7.33 -30.87 -6.92
CA GLN C 17 8.04 -32.00 -7.45
C GLN C 17 8.89 -32.66 -6.37
N GLU C 18 9.50 -31.81 -5.54
CA GLU C 18 10.33 -32.28 -4.46
C GLU C 18 9.52 -32.70 -3.23
N GLU C 19 8.43 -31.99 -2.96
CA GLU C 19 7.53 -32.35 -1.86
C GLU C 19 6.07 -32.39 -2.32
N PRO C 20 5.69 -33.46 -3.02
CA PRO C 20 4.36 -33.58 -3.65
C PRO C 20 3.20 -33.89 -2.71
N VAL C 21 2.05 -33.31 -3.03
CA VAL C 21 0.78 -33.65 -2.40
C VAL C 21 0.52 -35.12 -2.66
N GLU C 22 0.19 -35.86 -1.62
CA GLU C 22 0.07 -37.30 -1.76
C GLU C 22 -1.11 -37.68 -2.63
N GLY C 23 -0.87 -38.55 -3.61
CA GLY C 23 -1.91 -38.99 -4.52
C GLY C 23 -2.01 -38.10 -5.75
N PHE C 24 -1.17 -37.07 -5.81
CA PHE C 24 -1.14 -36.14 -6.92
C PHE C 24 0.25 -36.06 -7.54
N ARG C 25 0.30 -36.14 -8.88
CA ARG C 25 1.53 -35.97 -9.64
C ARG C 25 1.38 -34.80 -10.58
N VAL C 26 2.34 -33.89 -10.58
CA VAL C 26 2.19 -32.68 -11.37
C VAL C 26 3.30 -32.49 -12.41
N THR C 27 2.94 -32.13 -13.64
CA THR C 27 3.92 -31.93 -14.73
C THR C 27 3.48 -30.88 -15.75
N LEU C 28 4.34 -30.63 -16.73
CA LEU C 28 4.03 -29.67 -17.78
C LEU C 28 3.37 -30.33 -18.99
N VAL C 29 2.39 -29.65 -19.58
CA VAL C 29 1.78 -30.13 -20.80
C VAL C 29 2.81 -30.06 -21.90
N ASP C 30 3.33 -28.86 -22.14
CA ASP C 30 4.41 -28.65 -23.08
C ASP C 30 5.61 -28.14 -22.30
N GLU C 31 6.74 -28.84 -22.41
CA GLU C 31 7.97 -28.39 -21.77
C GLU C 31 8.28 -26.98 -22.26
N GLY C 32 8.72 -26.11 -21.36
CA GLY C 32 9.04 -24.74 -21.72
C GLY C 32 7.86 -23.80 -21.63
N ASP C 33 6.69 -24.34 -21.30
CA ASP C 33 5.48 -23.54 -21.09
C ASP C 33 4.97 -23.72 -19.66
N LEU C 34 5.08 -22.68 -18.85
CA LEU C 34 4.82 -22.80 -17.42
C LEU C 34 3.39 -22.50 -17.04
N TYR C 35 2.59 -22.12 -18.02
CA TYR C 35 1.22 -21.72 -17.75
C TYR C 35 0.25 -22.88 -17.92
N ASN C 36 0.76 -24.04 -18.32
CA ASN C 36 -0.08 -25.22 -18.44
C ASN C 36 0.46 -26.49 -17.79
N TRP C 37 -0.27 -26.96 -16.79
CA TRP C 37 0.14 -28.12 -16.02
C TRP C 37 -0.79 -29.29 -16.27
N GLU C 38 -0.21 -30.48 -16.24
CA GLU C 38 -0.97 -31.71 -16.30
C GLU C 38 -0.97 -32.25 -14.87
N VAL C 39 -2.13 -32.71 -14.42
CA VAL C 39 -2.25 -33.24 -13.07
C VAL C 39 -2.75 -34.67 -13.11
N ALA C 40 -1.99 -35.58 -12.52
CA ALA C 40 -2.38 -36.98 -12.45
C ALA C 40 -2.82 -37.27 -11.02
N ILE C 41 -3.92 -37.99 -10.87
CA ILE C 41 -4.54 -38.17 -9.56
C ILE C 41 -4.95 -39.60 -9.31
N PHE C 42 -4.60 -40.11 -8.13
CA PHE C 42 -4.75 -41.52 -7.80
C PHE C 42 -5.72 -41.70 -6.64
N GLY C 43 -6.82 -42.43 -6.89
CA GLY C 43 -7.79 -42.70 -5.84
C GLY C 43 -7.16 -43.48 -4.70
N PRO C 44 -7.40 -43.03 -3.45
CA PRO C 44 -6.77 -43.67 -2.29
C PRO C 44 -7.48 -44.97 -1.90
N PRO C 45 -6.75 -45.89 -1.26
CA PRO C 45 -7.32 -47.18 -0.85
C PRO C 45 -8.48 -47.01 0.11
N ASN C 46 -9.38 -47.99 0.11
CA ASN C 46 -10.56 -47.98 0.98
C ASN C 46 -11.54 -46.87 0.71
N THR C 47 -11.53 -46.37 -0.52
CA THR C 47 -12.59 -45.49 -0.95
C THR C 47 -13.19 -46.15 -2.16
N TYR C 48 -14.25 -45.56 -2.71
CA TYR C 48 -14.82 -46.09 -3.93
C TYR C 48 -13.95 -45.70 -5.13
N TYR C 49 -13.01 -44.78 -4.90
CA TYR C 49 -12.07 -44.34 -5.94
C TYR C 49 -10.82 -45.21 -5.97
N GLU C 50 -10.80 -46.21 -5.10
CA GLU C 50 -9.71 -47.14 -4.98
C GLU C 50 -9.33 -47.65 -6.36
N GLY C 51 -8.05 -47.57 -6.71
CA GLY C 51 -7.54 -48.14 -7.94
C GLY C 51 -7.51 -47.18 -9.12
N GLY C 52 -8.32 -46.13 -9.06
CA GLY C 52 -8.48 -45.23 -10.18
C GLY C 52 -7.27 -44.35 -10.45
N TYR C 53 -7.23 -43.86 -11.70
CA TYR C 53 -6.15 -43.03 -12.18
C TYR C 53 -6.82 -41.92 -13.00
N PHE C 54 -6.68 -40.69 -12.53
CA PHE C 54 -7.46 -39.59 -13.07
C PHE C 54 -6.57 -38.48 -13.62
N LYS C 55 -7.03 -37.83 -14.68
CA LYS C 55 -6.23 -36.81 -15.36
C LYS C 55 -6.91 -35.44 -15.37
N ALA C 56 -6.15 -34.41 -14.98
CA ALA C 56 -6.67 -33.04 -15.00
C ALA C 56 -5.62 -32.03 -15.49
N ARG C 57 -6.04 -30.76 -15.60
CA ARG C 57 -5.17 -29.69 -16.05
C ARG C 57 -5.42 -28.34 -15.41
N LEU C 58 -4.32 -27.67 -15.04
CA LEU C 58 -4.39 -26.28 -14.60
C LEU C 58 -3.91 -25.36 -15.68
N LYS C 59 -4.57 -24.23 -15.81
CA LYS C 59 -4.05 -23.20 -16.67
C LYS C 59 -3.97 -21.93 -15.87
N PHE C 60 -2.85 -21.21 -15.97
CA PHE C 60 -2.63 -20.05 -15.13
C PHE C 60 -2.60 -18.81 -15.98
N PRO C 61 -3.07 -17.69 -15.40
CA PRO C 61 -3.04 -16.39 -16.09
C PRO C 61 -1.70 -15.70 -15.89
N ILE C 62 -1.56 -14.56 -16.55
CA ILE C 62 -0.30 -13.86 -16.65
C ILE C 62 0.06 -13.09 -15.37
N ASP C 63 -0.96 -12.60 -14.68
CA ASP C 63 -0.79 -11.82 -13.46
C ASP C 63 -0.80 -12.72 -12.22
N TYR C 64 -0.72 -14.02 -12.44
CA TYR C 64 -0.65 -14.95 -11.32
C TYR C 64 0.48 -14.56 -10.36
N PRO C 65 0.23 -14.65 -9.04
CA PRO C 65 -1.07 -15.04 -8.47
C PRO C 65 -1.92 -13.84 -8.08
N TYR C 66 -2.16 -12.91 -8.97
CA TYR C 66 -3.07 -11.85 -8.62
C TYR C 66 -4.45 -12.27 -9.09
N SER C 67 -4.47 -13.39 -9.81
CA SER C 67 -5.69 -14.00 -10.28
C SER C 67 -5.53 -15.52 -10.18
N PRO C 68 -6.62 -16.23 -9.86
CA PRO C 68 -6.50 -17.68 -9.74
C PRO C 68 -6.42 -18.36 -11.11
N PRO C 69 -5.85 -19.57 -11.16
CA PRO C 69 -5.90 -20.44 -12.34
C PRO C 69 -7.24 -21.17 -12.46
N ALA C 70 -7.40 -21.92 -13.54
CA ALA C 70 -8.60 -22.73 -13.76
C ALA C 70 -8.24 -24.22 -13.77
N PHE C 71 -9.12 -25.03 -13.20
CA PHE C 71 -8.87 -26.46 -13.03
C PHE C 71 -9.93 -27.26 -13.79
N ARG C 72 -9.47 -28.15 -14.67
CA ARG C 72 -10.38 -28.92 -15.51
C ARG C 72 -9.97 -30.41 -15.56
N PHE C 73 -10.90 -31.30 -15.17
CA PHE C 73 -10.68 -32.74 -15.29
C PHE C 73 -10.82 -33.15 -16.74
N LEU C 74 -9.84 -33.89 -17.25
CA LEU C 74 -9.93 -34.50 -18.58
C LEU C 74 -10.74 -35.79 -18.52
N THR C 75 -10.49 -36.60 -17.49
CA THR C 75 -11.33 -37.73 -17.20
C THR C 75 -12.73 -37.21 -16.90
N LYS C 76 -13.73 -37.98 -17.29
CA LYS C 76 -15.10 -37.63 -16.97
C LYS C 76 -15.36 -38.04 -15.53
N MET C 77 -15.96 -37.15 -14.77
CA MET C 77 -16.18 -37.43 -13.36
C MET C 77 -17.62 -37.09 -13.05
N TRP C 78 -18.23 -37.92 -12.21
CA TRP C 78 -19.57 -37.64 -11.75
C TRP C 78 -19.39 -37.17 -10.31
N HIS C 79 -19.54 -35.87 -10.12
CA HIS C 79 -19.39 -35.22 -8.82
C HIS C 79 -20.31 -34.00 -8.82
N PRO C 80 -20.90 -33.65 -7.66
CA PRO C 80 -21.81 -32.49 -7.56
C PRO C 80 -21.18 -31.15 -7.92
N ASN C 81 -19.88 -31.06 -7.66
CA ASN C 81 -19.09 -29.86 -7.93
C ASN C 81 -18.29 -29.86 -9.24
N ILE C 82 -18.54 -30.87 -10.07
CA ILE C 82 -17.90 -30.93 -11.39
C ILE C 82 -18.89 -30.83 -12.56
N TYR C 83 -18.70 -29.83 -13.42
CA TYR C 83 -19.50 -29.63 -14.63
C TYR C 83 -19.26 -30.68 -15.69
N GLU C 84 -20.18 -30.74 -16.65
CA GLU C 84 -20.02 -31.60 -17.80
C GLU C 84 -18.71 -31.36 -18.55
N THR C 85 -18.26 -30.11 -18.59
CA THR C 85 -17.05 -29.78 -19.34
C THR C 85 -15.81 -30.30 -18.65
N GLY C 86 -15.97 -30.65 -17.37
CA GLY C 86 -14.86 -31.13 -16.58
C GLY C 86 -14.40 -30.07 -15.60
N ASP C 87 -15.00 -28.89 -15.67
CA ASP C 87 -14.55 -27.78 -14.86
C ASP C 87 -15.00 -28.02 -13.44
N VAL C 88 -14.23 -27.49 -12.50
CA VAL C 88 -14.50 -27.70 -11.09
C VAL C 88 -14.97 -26.40 -10.49
N CYS C 89 -15.98 -26.48 -9.63
CA CYS C 89 -16.41 -25.32 -8.88
C CYS C 89 -15.87 -25.39 -7.45
N ILE C 90 -14.88 -24.55 -7.17
CA ILE C 90 -14.40 -24.32 -5.80
C ILE C 90 -14.33 -22.84 -5.59
N SER C 91 -14.59 -22.41 -4.36
CA SER C 91 -14.56 -21.01 -3.99
C SER C 91 -13.22 -20.37 -4.28
N ILE C 92 -12.16 -21.02 -3.81
CA ILE C 92 -10.83 -20.46 -3.92
C ILE C 92 -10.44 -20.11 -5.37
N LEU C 93 -11.08 -20.75 -6.33
CA LEU C 93 -10.84 -20.44 -7.73
C LEU C 93 -11.81 -19.39 -8.25
N HIS C 94 -12.83 -19.09 -7.47
CA HIS C 94 -13.73 -18.00 -7.81
C HIS C 94 -12.90 -16.73 -7.70
N PRO C 95 -12.82 -15.98 -8.80
CA PRO C 95 -11.98 -14.79 -8.87
C PRO C 95 -12.35 -13.75 -7.80
N PRO C 96 -11.36 -12.96 -7.36
CA PRO C 96 -11.52 -11.92 -6.35
C PRO C 96 -11.83 -10.54 -6.93
N SER C 107 -8.69 -18.85 4.33
CA SER C 107 -9.41 -18.02 3.38
C SER C 107 -9.93 -18.87 2.23
N GLU C 108 -11.25 -18.86 2.04
CA GLU C 108 -11.86 -19.65 0.98
C GLU C 108 -12.02 -18.90 -0.33
N ARG C 109 -11.77 -17.59 -0.29
CA ARG C 109 -11.83 -16.82 -1.52
C ARG C 109 -10.40 -16.67 -2.02
N TRP C 110 -10.20 -16.08 -3.20
CA TRP C 110 -8.87 -16.04 -3.76
C TRP C 110 -8.10 -14.81 -3.33
N ASN C 111 -6.82 -15.00 -3.00
CA ASN C 111 -5.94 -13.91 -2.64
C ASN C 111 -4.51 -14.22 -3.12
N PRO C 112 -3.65 -13.18 -3.18
CA PRO C 112 -2.29 -13.41 -3.67
C PRO C 112 -1.41 -14.30 -2.79
N THR C 113 -1.82 -14.59 -1.54
CA THR C 113 -1.05 -15.50 -0.71
C THR C 113 -1.42 -16.96 -0.96
N GLN C 114 -2.41 -17.17 -1.82
CA GLN C 114 -2.84 -18.51 -2.18
C GLN C 114 -1.92 -19.13 -3.23
N ASN C 115 -1.78 -20.45 -3.21
CA ASN C 115 -0.91 -21.15 -4.17
C ASN C 115 -1.49 -22.49 -4.66
N VAL C 116 -0.74 -23.16 -5.53
CA VAL C 116 -1.22 -24.44 -6.10
C VAL C 116 -1.42 -25.51 -5.03
N ARG C 117 -0.54 -25.54 -4.03
CA ARG C 117 -0.63 -26.54 -2.98
C ARG C 117 -1.93 -26.38 -2.20
N THR C 118 -2.34 -25.13 -1.99
CA THR C 118 -3.60 -24.88 -1.29
C THR C 118 -4.78 -25.31 -2.15
N ILE C 119 -4.69 -25.07 -3.45
CA ILE C 119 -5.74 -25.46 -4.39
C ILE C 119 -5.94 -26.97 -4.36
N LEU C 120 -4.84 -27.69 -4.53
CA LEU C 120 -4.86 -29.14 -4.57
C LEU C 120 -5.48 -29.74 -3.30
N LEU C 121 -5.11 -29.19 -2.15
CA LEU C 121 -5.65 -29.66 -0.88
C LEU C 121 -7.14 -29.35 -0.75
N SER C 122 -7.57 -28.25 -1.34
CA SER C 122 -8.98 -27.90 -1.30
C SER C 122 -9.78 -28.82 -2.21
N VAL C 123 -9.12 -29.30 -3.27
CA VAL C 123 -9.76 -30.24 -4.19
C VAL C 123 -9.99 -31.58 -3.49
N ILE C 124 -9.00 -32.00 -2.72
CA ILE C 124 -9.07 -33.25 -1.98
C ILE C 124 -10.22 -33.20 -0.99
N SER C 125 -10.37 -32.05 -0.36
CA SER C 125 -11.47 -31.83 0.56
C SER C 125 -12.80 -31.96 -0.18
N LEU C 126 -12.90 -31.26 -1.31
CA LEU C 126 -14.11 -31.23 -2.10
C LEU C 126 -14.47 -32.59 -2.65
N LEU C 127 -13.44 -33.37 -3.00
CA LEU C 127 -13.63 -34.78 -3.38
C LEU C 127 -14.16 -35.64 -2.21
N ASN C 128 -13.62 -35.47 -1.00
CA ASN C 128 -14.16 -36.18 0.18
C ASN C 128 -15.55 -35.67 0.55
N GLU C 129 -15.70 -34.36 0.52
CA GLU C 129 -16.88 -33.68 1.04
C GLU C 129 -17.39 -32.67 0.02
N PRO C 130 -18.36 -33.07 -0.82
CA PRO C 130 -18.88 -32.11 -1.80
C PRO C 130 -19.59 -30.92 -1.14
N ASN C 131 -19.67 -29.83 -1.88
CA ASN C 131 -20.48 -28.68 -1.49
C ASN C 131 -21.84 -28.82 -2.16
N THR C 132 -22.86 -29.12 -1.37
CA THR C 132 -24.19 -29.29 -1.93
C THR C 132 -25.00 -28.01 -1.90
N PHE C 133 -24.40 -26.93 -1.42
CA PHE C 133 -25.08 -25.65 -1.32
C PHE C 133 -25.18 -24.95 -2.68
N SER C 134 -24.09 -25.01 -3.45
CA SER C 134 -24.08 -24.46 -4.79
C SER C 134 -23.52 -25.49 -5.77
N PRO C 135 -24.27 -26.58 -6.00
CA PRO C 135 -23.77 -27.68 -6.82
C PRO C 135 -23.79 -27.38 -8.32
N ALA C 136 -22.70 -27.75 -9.00
CA ALA C 136 -22.59 -27.56 -10.44
C ALA C 136 -23.34 -28.67 -11.17
N ASN C 137 -23.40 -29.84 -10.53
CA ASN C 137 -24.16 -30.95 -11.07
C ASN C 137 -25.25 -31.36 -10.07
N VAL C 138 -26.48 -30.97 -10.40
CA VAL C 138 -27.62 -31.17 -9.52
C VAL C 138 -27.97 -32.63 -9.36
N ASP C 139 -28.03 -33.35 -10.49
CA ASP C 139 -28.38 -34.77 -10.46
C ASP C 139 -27.39 -35.59 -9.65
N ALA C 140 -26.11 -35.19 -9.69
CA ALA C 140 -25.10 -35.86 -8.91
C ALA C 140 -25.23 -35.50 -7.44
N SER C 141 -25.64 -34.26 -7.17
CA SER C 141 -25.83 -33.77 -5.81
C SER C 141 -26.96 -34.53 -5.11
N VAL C 142 -28.08 -34.66 -5.82
CA VAL C 142 -29.25 -35.39 -5.35
C VAL C 142 -28.88 -36.83 -5.02
N MET C 143 -28.21 -37.47 -5.97
CA MET C 143 -27.78 -38.84 -5.80
C MET C 143 -26.84 -38.96 -4.62
N TYR C 144 -25.97 -37.96 -4.48
CA TYR C 144 -25.07 -37.92 -3.34
C TYR C 144 -25.85 -37.80 -2.02
N ARG C 145 -26.87 -36.95 -2.01
CA ARG C 145 -27.73 -36.80 -0.84
C ARG C 145 -28.36 -38.13 -0.43
N LYS C 146 -28.94 -38.84 -1.40
CA LYS C 146 -29.57 -40.14 -1.15
C LYS C 146 -28.58 -41.14 -0.57
N TRP C 147 -27.34 -41.10 -1.05
CA TRP C 147 -26.27 -41.95 -0.51
C TRP C 147 -26.01 -41.62 0.96
N LYS C 148 -25.90 -40.33 1.27
CA LYS C 148 -25.64 -39.92 2.64
C LYS C 148 -26.84 -40.23 3.55
N GLU C 149 -28.05 -40.00 3.02
CA GLU C 149 -29.29 -40.21 3.79
C GLU C 149 -29.51 -41.67 4.17
N SER C 150 -28.98 -42.59 3.36
CA SER C 150 -29.21 -44.02 3.54
C SER C 150 -28.11 -44.70 4.34
N LYS C 151 -27.18 -43.90 4.85
CA LYS C 151 -26.02 -44.41 5.59
C LYS C 151 -25.16 -45.25 4.67
N GLY C 152 -25.18 -44.89 3.38
CA GLY C 152 -24.26 -45.41 2.41
C GLY C 152 -24.74 -46.63 1.65
N LYS C 153 -25.98 -47.04 1.89
CA LYS C 153 -26.50 -48.26 1.31
C LYS C 153 -27.00 -48.16 -0.14
N ASP C 154 -27.63 -47.05 -0.47
CA ASP C 154 -28.05 -46.81 -1.85
C ASP C 154 -26.82 -46.96 -2.75
N ARG C 155 -26.95 -47.76 -3.81
CA ARG C 155 -25.80 -48.06 -4.65
C ARG C 155 -25.68 -47.24 -5.92
N GLU C 156 -26.61 -46.31 -6.15
CA GLU C 156 -26.65 -45.60 -7.42
C GLU C 156 -25.43 -44.72 -7.71
N TYR C 157 -25.16 -43.77 -6.81
CA TYR C 157 -24.04 -42.85 -6.98
C TYR C 157 -22.77 -43.67 -7.05
N THR C 158 -22.63 -44.57 -6.09
CA THR C 158 -21.40 -45.32 -5.92
C THR C 158 -21.16 -46.37 -7.03
N ASP C 159 -22.23 -46.85 -7.65
CA ASP C 159 -22.10 -47.71 -8.82
C ASP C 159 -21.46 -46.92 -9.97
N ILE C 160 -21.88 -45.68 -10.14
CA ILE C 160 -21.39 -44.84 -11.23
C ILE C 160 -19.91 -44.51 -11.06
N ILE C 161 -19.52 -44.13 -9.84
CA ILE C 161 -18.12 -43.86 -9.53
C ILE C 161 -17.28 -45.06 -9.98
N ARG C 162 -17.74 -46.25 -9.64
CA ARG C 162 -16.97 -47.46 -9.89
C ARG C 162 -16.80 -47.78 -11.35
N LYS C 163 -17.82 -47.49 -12.13
CA LYS C 163 -17.73 -47.70 -13.56
C LYS C 163 -16.67 -46.80 -14.17
N GLN C 164 -16.55 -45.59 -13.63
CA GLN C 164 -15.57 -44.66 -14.13
C GLN C 164 -14.18 -45.10 -13.71
N VAL C 165 -14.06 -45.55 -12.47
CA VAL C 165 -12.78 -46.02 -11.96
C VAL C 165 -12.27 -47.18 -12.79
N LEU C 166 -13.11 -48.20 -12.95
CA LEU C 166 -12.79 -49.36 -13.79
C LEU C 166 -12.31 -48.96 -15.19
N GLY C 167 -12.98 -47.98 -15.79
CA GLY C 167 -12.64 -47.55 -17.13
C GLY C 167 -11.26 -46.94 -17.20
N THR C 168 -10.85 -46.35 -16.10
CA THR C 168 -9.57 -45.65 -15.99
C THR C 168 -8.36 -46.53 -16.33
N LYS C 169 -8.43 -47.80 -15.96
CA LYS C 169 -7.30 -48.71 -16.13
C LYS C 169 -6.89 -48.87 -17.60
N VAL C 170 -7.78 -48.47 -18.50
CA VAL C 170 -7.46 -48.43 -19.92
C VAL C 170 -6.55 -47.24 -20.17
N ASP C 171 -6.87 -46.13 -19.52
CA ASP C 171 -6.06 -44.92 -19.64
C ASP C 171 -4.67 -45.13 -19.03
N ALA C 172 -4.61 -45.91 -17.96
CA ALA C 172 -3.35 -46.22 -17.30
C ALA C 172 -2.46 -47.09 -18.17
N GLU C 173 -3.09 -47.99 -18.92
CA GLU C 173 -2.36 -48.88 -19.81
C GLU C 173 -1.85 -48.06 -20.98
N ARG C 174 -2.70 -47.18 -21.49
CA ARG C 174 -2.29 -46.35 -22.59
C ARG C 174 -1.11 -45.47 -22.16
N ASP C 175 -1.32 -44.63 -21.15
CA ASP C 175 -0.28 -43.73 -20.67
C ASP C 175 0.98 -44.44 -20.21
N GLY C 176 0.85 -45.72 -19.87
CA GLY C 176 1.97 -46.51 -19.41
C GLY C 176 2.35 -46.23 -17.98
N VAL C 177 1.36 -46.09 -17.10
CA VAL C 177 1.62 -45.83 -15.69
C VAL C 177 1.24 -47.03 -14.84
N LYS C 178 2.08 -47.35 -13.85
CA LYS C 178 1.79 -48.47 -12.98
C LYS C 178 1.14 -47.94 -11.73
N VAL C 179 -0.16 -48.20 -11.59
CA VAL C 179 -0.94 -47.68 -10.50
C VAL C 179 -0.65 -48.47 -9.23
N PRO C 180 -0.41 -47.76 -8.12
CA PRO C 180 -0.15 -48.42 -6.82
C PRO C 180 -1.30 -49.35 -6.44
N PRO D 3 -18.02 8.07 35.28
CA PRO D 3 -17.12 7.88 34.15
C PRO D 3 -17.28 8.98 33.10
N SER D 4 -16.18 9.69 32.81
CA SER D 4 -16.21 10.85 31.93
C SER D 4 -16.61 10.53 30.49
N SER D 5 -16.31 9.32 30.02
CA SER D 5 -16.74 8.93 28.68
C SER D 5 -18.25 8.90 28.61
N GLN D 6 -18.88 8.41 29.68
CA GLN D 6 -20.32 8.35 29.74
C GLN D 6 -20.90 9.76 29.76
N LYS D 7 -20.38 10.59 30.67
CA LYS D 7 -20.77 11.99 30.74
C LYS D 7 -20.61 12.68 29.39
N ALA D 8 -19.51 12.34 28.70
CA ALA D 8 -19.22 12.91 27.39
C ALA D 8 -20.26 12.53 26.36
N LEU D 9 -20.62 11.26 26.33
CA LEU D 9 -21.53 10.77 25.29
C LEU D 9 -22.95 11.29 25.49
N LEU D 10 -23.34 11.50 26.74
CA LEU D 10 -24.57 12.20 27.11
C LEU D 10 -24.65 13.56 26.41
N LEU D 11 -23.62 14.38 26.62
CA LEU D 11 -23.57 15.74 26.07
C LEU D 11 -23.63 15.72 24.56
N GLU D 12 -22.72 14.97 23.95
CA GLU D 12 -22.60 14.94 22.49
C GLU D 12 -23.91 14.54 21.85
N LEU D 13 -24.50 13.47 22.37
CA LEU D 13 -25.79 13.00 21.87
C LEU D 13 -26.85 14.08 21.98
N LYS D 14 -26.95 14.69 23.16
CA LYS D 14 -27.93 15.74 23.40
C LYS D 14 -27.71 16.90 22.44
N GLY D 15 -26.45 17.28 22.29
CA GLY D 15 -26.07 18.39 21.42
C GLY D 15 -26.36 18.11 19.97
N LEU D 16 -26.28 16.85 19.58
CA LEU D 16 -26.57 16.45 18.20
C LEU D 16 -28.07 16.37 17.94
N GLN D 17 -28.82 15.97 18.96
CA GLN D 17 -30.26 15.92 18.80
C GLN D 17 -30.88 17.31 18.80
N GLU D 18 -30.24 18.25 19.50
CA GLU D 18 -30.72 19.63 19.54
C GLU D 18 -30.30 20.45 18.32
N GLU D 19 -29.08 20.25 17.85
CA GLU D 19 -28.62 20.91 16.64
C GLU D 19 -27.95 19.91 15.71
N PRO D 20 -28.77 19.16 14.96
CA PRO D 20 -28.28 18.06 14.11
C PRO D 20 -27.34 18.51 12.99
N VAL D 21 -26.57 17.56 12.48
CA VAL D 21 -25.73 17.76 11.30
C VAL D 21 -26.64 17.36 10.16
N GLU D 22 -27.06 18.34 9.36
CA GLU D 22 -28.15 18.12 8.42
C GLU D 22 -27.88 16.92 7.50
N GLY D 23 -28.86 16.02 7.45
CA GLY D 23 -28.70 14.76 6.74
C GLY D 23 -28.56 13.56 7.65
N PHE D 24 -28.33 13.79 8.94
CA PHE D 24 -28.10 12.70 9.90
C PHE D 24 -29.08 12.73 11.07
N ARG D 25 -29.45 11.54 11.56
CA ARG D 25 -30.23 11.41 12.79
C ARG D 25 -29.58 10.35 13.63
N VAL D 26 -29.55 10.58 14.93
CA VAL D 26 -28.69 9.78 15.78
C VAL D 26 -29.46 9.32 17.02
N THR D 27 -29.33 8.03 17.34
CA THR D 27 -30.16 7.42 18.36
C THR D 27 -29.43 6.24 18.99
N LEU D 28 -29.94 5.77 20.12
CA LEU D 28 -29.35 4.63 20.80
C LEU D 28 -29.91 3.33 20.26
N VAL D 29 -29.01 2.40 19.94
CA VAL D 29 -29.38 1.05 19.56
C VAL D 29 -30.29 0.46 20.62
N ASP D 30 -29.78 0.48 21.84
CA ASP D 30 -30.50 0.00 23.00
C ASP D 30 -30.47 1.14 24.01
N GLU D 31 -31.63 1.69 24.32
CA GLU D 31 -31.71 2.78 25.27
C GLU D 31 -31.11 2.38 26.61
N GLY D 32 -30.38 3.32 27.20
CA GLY D 32 -29.62 3.12 28.41
C GLY D 32 -28.17 2.79 28.14
N ASP D 33 -27.87 2.13 27.03
CA ASP D 33 -26.47 1.88 26.67
C ASP D 33 -25.97 2.97 25.74
N LEU D 34 -24.91 3.65 26.16
CA LEU D 34 -24.43 4.83 25.48
C LEU D 34 -23.27 4.61 24.52
N TYR D 35 -22.78 3.37 24.44
CA TYR D 35 -21.60 3.08 23.63
C TYR D 35 -21.90 2.50 22.25
N ASN D 36 -23.19 2.33 21.95
CA ASN D 36 -23.59 1.86 20.62
C ASN D 36 -24.72 2.69 20.04
N TRP D 37 -24.43 3.41 18.96
CA TRP D 37 -25.37 4.37 18.41
C TRP D 37 -25.91 3.92 17.06
N GLU D 38 -27.17 4.24 16.80
CA GLU D 38 -27.78 3.96 15.52
C GLU D 38 -27.75 5.24 14.70
N VAL D 39 -27.48 5.13 13.41
CA VAL D 39 -27.36 6.32 12.59
C VAL D 39 -28.17 6.24 11.31
N ALA D 40 -29.10 7.17 11.16
CA ALA D 40 -29.91 7.26 9.96
C ALA D 40 -29.29 8.33 9.07
N ILE D 41 -29.11 7.99 7.80
CA ILE D 41 -28.46 8.91 6.88
C ILE D 41 -29.31 9.06 5.64
N PHE D 42 -29.60 10.31 5.30
CA PHE D 42 -30.50 10.59 4.19
C PHE D 42 -29.73 11.26 3.07
N GLY D 43 -29.90 10.73 1.86
CA GLY D 43 -29.28 11.30 0.70
C GLY D 43 -29.96 12.60 0.33
N PRO D 44 -29.17 13.62 -0.01
CA PRO D 44 -29.64 14.96 -0.35
C PRO D 44 -30.19 15.02 -1.76
N PRO D 45 -31.16 15.91 -2.00
CA PRO D 45 -31.71 15.98 -3.35
C PRO D 45 -30.71 16.53 -4.36
N ASN D 46 -30.94 16.21 -5.63
CA ASN D 46 -30.03 16.57 -6.72
C ASN D 46 -28.67 15.87 -6.63
N THR D 47 -28.69 14.70 -6.01
CA THR D 47 -27.56 13.80 -5.98
C THR D 47 -28.06 12.42 -6.38
N TYR D 48 -27.13 11.55 -6.75
CA TYR D 48 -27.48 10.17 -7.04
C TYR D 48 -27.97 9.45 -5.78
N TYR D 49 -27.75 10.04 -4.61
CA TYR D 49 -28.21 9.45 -3.35
C TYR D 49 -29.59 9.93 -2.94
N GLU D 50 -30.16 10.83 -3.74
CA GLU D 50 -31.45 11.43 -3.47
C GLU D 50 -32.46 10.33 -3.15
N GLY D 51 -33.28 10.56 -2.13
CA GLY D 51 -34.33 9.64 -1.76
C GLY D 51 -33.83 8.53 -0.87
N GLY D 52 -32.51 8.36 -0.81
CA GLY D 52 -31.91 7.23 -0.11
C GLY D 52 -32.04 7.27 1.41
N TYR D 53 -32.09 6.08 2.00
CA TYR D 53 -32.13 5.94 3.45
C TYR D 53 -31.14 4.87 3.87
N PHE D 54 -30.10 5.25 4.62
CA PHE D 54 -29.00 4.35 4.88
C PHE D 54 -28.74 4.20 6.36
N LYS D 55 -28.34 3.01 6.77
CA LYS D 55 -28.19 2.72 8.19
C LYS D 55 -26.75 2.37 8.53
N ALA D 56 -26.29 2.91 9.65
CA ALA D 56 -24.92 2.68 10.07
C ALA D 56 -24.89 2.67 11.58
N ARG D 57 -23.72 2.39 12.13
CA ARG D 57 -23.61 2.27 13.56
C ARG D 57 -22.25 2.72 14.05
N LEU D 58 -22.28 3.37 15.20
CA LEU D 58 -21.08 3.85 15.86
C LEU D 58 -20.82 3.02 17.10
N LYS D 59 -19.58 2.59 17.28
CA LYS D 59 -19.21 1.91 18.51
C LYS D 59 -18.14 2.73 19.22
N PHE D 60 -18.40 3.03 20.48
CA PHE D 60 -17.51 3.84 21.30
C PHE D 60 -16.68 2.99 22.26
N PRO D 61 -15.38 3.30 22.34
CA PRO D 61 -14.57 2.64 23.36
C PRO D 61 -14.91 3.17 24.76
N ILE D 62 -14.50 2.41 25.77
CA ILE D 62 -14.71 2.75 27.17
C ILE D 62 -14.00 4.06 27.59
N ASP D 63 -12.86 4.36 26.97
CA ASP D 63 -12.09 5.56 27.28
C ASP D 63 -12.32 6.78 26.39
N TYR D 64 -13.33 6.72 25.52
CA TYR D 64 -13.65 7.84 24.64
C TYR D 64 -13.76 9.14 25.46
N PRO D 65 -13.30 10.28 24.91
CA PRO D 65 -12.70 10.47 23.58
C PRO D 65 -11.16 10.37 23.51
N TYR D 66 -10.58 9.40 24.21
CA TYR D 66 -9.14 9.19 24.17
C TYR D 66 -8.77 8.11 23.16
N SER D 67 -9.75 7.76 22.34
CA SER D 67 -9.62 6.72 21.33
C SER D 67 -10.88 6.82 20.50
N PRO D 68 -10.75 6.54 19.20
CA PRO D 68 -11.86 6.82 18.28
C PRO D 68 -12.93 5.75 18.34
N PRO D 69 -14.14 6.13 17.93
CA PRO D 69 -15.22 5.18 17.64
C PRO D 69 -15.03 4.49 16.30
N ALA D 70 -15.76 3.40 16.13
CA ALA D 70 -15.79 2.68 14.86
C ALA D 70 -17.12 2.93 14.16
N PHE D 71 -17.05 2.99 12.83
CA PHE D 71 -18.20 3.30 12.00
C PHE D 71 -18.36 2.22 10.94
N ARG D 72 -19.53 1.56 10.91
CA ARG D 72 -19.83 0.72 9.76
C ARG D 72 -21.28 0.83 9.32
N PHE D 73 -21.48 0.88 8.00
CA PHE D 73 -22.80 0.86 7.43
C PHE D 73 -23.39 -0.54 7.60
N LEU D 74 -24.66 -0.62 8.00
CA LEU D 74 -25.38 -1.90 7.89
C LEU D 74 -25.94 -2.06 6.48
N THR D 75 -26.31 -0.93 5.87
CA THR D 75 -26.76 -0.91 4.48
C THR D 75 -25.57 -1.26 3.61
N LYS D 76 -25.85 -1.84 2.46
CA LYS D 76 -24.77 -2.28 1.61
C LYS D 76 -24.43 -1.15 0.66
N MET D 77 -23.15 -0.80 0.62
CA MET D 77 -22.74 0.39 -0.09
C MET D 77 -21.63 0.09 -1.06
N TRP D 78 -21.69 0.72 -2.22
CA TRP D 78 -20.64 0.60 -3.21
C TRP D 78 -19.90 1.93 -3.25
N HIS D 79 -18.63 1.94 -2.87
CA HIS D 79 -17.92 3.19 -2.67
C HIS D 79 -16.46 2.88 -2.42
N PRO D 80 -15.58 3.67 -3.04
CA PRO D 80 -14.14 3.43 -3.03
C PRO D 80 -13.58 3.36 -1.62
N ASN D 81 -14.16 4.15 -0.72
CA ASN D 81 -13.72 4.22 0.66
C ASN D 81 -14.51 3.42 1.69
N ILE D 82 -15.46 2.62 1.23
CA ILE D 82 -16.21 1.75 2.12
C ILE D 82 -15.78 0.30 1.91
N TYR D 83 -15.47 -0.40 3.01
CA TYR D 83 -15.07 -1.79 2.94
C TYR D 83 -16.25 -2.71 2.61
N GLU D 84 -15.94 -3.90 2.14
CA GLU D 84 -16.92 -4.93 1.82
C GLU D 84 -17.85 -5.20 2.99
N THR D 85 -17.34 -4.97 4.19
CA THR D 85 -18.06 -5.25 5.42
C THR D 85 -18.84 -4.05 5.91
N GLY D 86 -18.69 -2.91 5.24
CA GLY D 86 -19.32 -1.69 5.67
C GLY D 86 -18.44 -0.78 6.52
N ASP D 87 -17.32 -1.31 7.02
CA ASP D 87 -16.42 -0.54 7.88
C ASP D 87 -15.79 0.64 7.12
N VAL D 88 -15.37 1.67 7.85
CA VAL D 88 -14.81 2.90 7.27
C VAL D 88 -13.40 3.27 7.81
N CYS D 89 -12.94 4.49 7.53
CA CYS D 89 -11.74 5.13 8.08
C CYS D 89 -11.54 4.77 9.55
N ASN D 111 -6.68 14.41 18.78
CA ASN D 111 -6.95 13.06 19.29
C ASN D 111 -7.96 13.04 20.46
N PRO D 112 -7.69 13.70 21.60
CA PRO D 112 -8.77 13.98 22.52
C PRO D 112 -9.80 15.06 22.12
N THR D 113 -9.47 15.94 21.18
CA THR D 113 -10.23 17.17 20.99
C THR D 113 -11.40 17.13 20.00
N GLN D 114 -11.63 15.98 19.38
CA GLN D 114 -12.66 15.86 18.35
C GLN D 114 -13.70 14.81 18.70
N ASN D 115 -14.77 14.83 17.92
CA ASN D 115 -16.06 14.41 18.40
C ASN D 115 -16.89 13.80 17.28
N VAL D 116 -18.11 13.43 17.63
CA VAL D 116 -19.02 12.80 16.68
C VAL D 116 -19.43 13.75 15.56
N ARG D 117 -19.53 15.03 15.88
CA ARG D 117 -19.89 16.02 14.87
C ARG D 117 -18.90 16.00 13.71
N THR D 118 -17.62 15.92 14.06
CA THR D 118 -16.53 15.94 13.09
C THR D 118 -16.49 14.69 12.22
N ILE D 119 -16.80 13.57 12.84
CA ILE D 119 -16.83 12.29 12.15
C ILE D 119 -17.88 12.30 11.06
N LEU D 120 -19.07 12.73 11.45
CA LEU D 120 -20.20 12.81 10.53
C LEU D 120 -19.89 13.76 9.38
N LEU D 121 -19.11 14.80 9.67
CA LEU D 121 -18.72 15.75 8.61
C LEU D 121 -17.62 15.17 7.69
N SER D 122 -16.70 14.41 8.26
CA SER D 122 -15.71 13.68 7.46
C SER D 122 -16.43 12.79 6.45
N VAL D 123 -17.40 12.04 6.96
CA VAL D 123 -18.20 11.11 6.17
C VAL D 123 -18.89 11.81 5.00
N ILE D 124 -19.44 12.98 5.26
CA ILE D 124 -20.13 13.72 4.21
C ILE D 124 -19.14 14.09 3.12
N SER D 125 -17.92 14.42 3.54
CA SER D 125 -16.86 14.80 2.62
C SER D 125 -16.42 13.60 1.77
N LEU D 126 -16.45 12.42 2.39
CA LEU D 126 -15.97 11.21 1.73
C LEU D 126 -16.98 10.71 0.69
N LEU D 127 -18.26 10.80 1.05
CA LEU D 127 -19.36 10.48 0.15
C LEU D 127 -19.37 11.41 -1.07
N ASN D 128 -19.15 12.70 -0.82
CA ASN D 128 -19.15 13.71 -1.88
C ASN D 128 -17.95 13.50 -2.80
N GLU D 129 -16.80 13.30 -2.15
CA GLU D 129 -15.51 13.28 -2.82
C GLU D 129 -14.66 12.15 -2.25
N PRO D 130 -14.75 10.97 -2.87
CA PRO D 130 -14.00 9.80 -2.40
C PRO D 130 -12.50 10.05 -2.45
N ASN D 131 -11.75 9.36 -1.59
CA ASN D 131 -10.30 9.40 -1.67
C ASN D 131 -9.87 8.25 -2.55
N THR D 132 -9.38 8.60 -3.73
CA THR D 132 -9.10 7.60 -4.75
C THR D 132 -7.63 7.21 -4.86
N PHE D 133 -6.78 7.87 -4.08
CA PHE D 133 -5.35 7.56 -4.12
C PHE D 133 -5.08 6.28 -3.34
N SER D 134 -5.89 6.02 -2.32
CA SER D 134 -5.70 4.83 -1.50
C SER D 134 -7.04 4.20 -1.07
N PRO D 135 -7.65 3.40 -1.96
CA PRO D 135 -9.00 2.85 -1.77
C PRO D 135 -9.17 1.59 -0.89
N ALA D 136 -10.31 1.51 -0.22
CA ALA D 136 -10.75 0.31 0.51
C ALA D 136 -11.46 -0.71 -0.39
N ASN D 137 -12.25 -0.21 -1.33
CA ASN D 137 -12.83 -1.06 -2.36
C ASN D 137 -12.19 -0.67 -3.67
N VAL D 138 -11.39 -1.59 -4.18
CA VAL D 138 -10.51 -1.31 -5.28
C VAL D 138 -11.28 -1.15 -6.55
N ASP D 139 -12.20 -2.09 -6.76
CA ASP D 139 -12.98 -2.11 -7.98
C ASP D 139 -13.95 -0.94 -8.03
N ALA D 140 -14.49 -0.56 -6.89
CA ALA D 140 -15.34 0.62 -6.84
C ALA D 140 -14.51 1.86 -7.19
N SER D 141 -13.25 1.87 -6.77
CA SER D 141 -12.38 3.01 -7.01
C SER D 141 -12.03 3.19 -8.48
N VAL D 142 -11.68 2.08 -9.13
CA VAL D 142 -11.38 2.09 -10.56
C VAL D 142 -12.62 2.50 -11.35
N MET D 143 -13.78 2.01 -10.91
CA MET D 143 -15.03 2.23 -11.61
C MET D 143 -15.43 3.71 -11.57
N TYR D 144 -15.12 4.35 -10.45
CA TYR D 144 -15.43 5.75 -10.24
C TYR D 144 -14.59 6.68 -11.10
N ARG D 145 -13.26 6.51 -11.05
CA ARG D 145 -12.38 7.28 -11.91
C ARG D 145 -12.81 7.12 -13.37
N LYS D 146 -13.24 5.93 -13.75
CA LYS D 146 -13.84 5.76 -15.07
C LYS D 146 -15.05 6.68 -15.23
N TRP D 147 -15.92 6.70 -14.23
CA TRP D 147 -17.10 7.58 -14.24
C TRP D 147 -16.72 9.07 -14.31
N LYS D 148 -15.91 9.51 -13.35
CA LYS D 148 -15.55 10.93 -13.22
C LYS D 148 -14.90 11.46 -14.50
N GLU D 149 -14.09 10.62 -15.12
CA GLU D 149 -13.33 11.03 -16.30
C GLU D 149 -14.15 10.96 -17.57
N SER D 150 -15.35 10.40 -17.49
CA SER D 150 -16.19 10.28 -18.67
C SER D 150 -17.20 11.40 -18.70
N LYS D 151 -17.22 12.18 -17.62
CA LYS D 151 -18.25 13.19 -17.41
C LYS D 151 -19.63 12.56 -17.43
N GLY D 152 -19.70 11.29 -17.00
CA GLY D 152 -20.97 10.61 -16.86
C GLY D 152 -21.40 9.78 -18.05
N LYS D 153 -20.65 9.85 -19.14
CA LYS D 153 -20.96 9.04 -20.31
C LYS D 153 -20.95 7.55 -19.99
N ASP D 154 -20.15 7.16 -19.00
CA ASP D 154 -20.12 5.78 -18.52
C ASP D 154 -20.91 5.76 -17.22
N ARG D 155 -22.14 5.23 -17.29
CA ARG D 155 -23.11 5.38 -16.23
C ARG D 155 -23.13 4.19 -15.29
N GLU D 156 -22.23 3.25 -15.53
CA GLU D 156 -22.18 2.00 -14.79
C GLU D 156 -22.16 2.18 -13.27
N TYR D 157 -21.28 3.05 -12.79
CA TYR D 157 -21.15 3.33 -11.37
C TYR D 157 -22.43 3.89 -10.76
N THR D 158 -23.04 4.82 -11.47
CA THR D 158 -24.23 5.49 -10.96
C THR D 158 -25.47 4.60 -11.00
N ASP D 159 -25.48 3.65 -11.94
CA ASP D 159 -26.54 2.67 -12.01
C ASP D 159 -26.56 1.87 -10.73
N ILE D 160 -25.37 1.39 -10.35
CA ILE D 160 -25.20 0.62 -9.14
C ILE D 160 -25.65 1.39 -7.91
N ILE D 161 -25.24 2.65 -7.80
CA ILE D 161 -25.64 3.49 -6.67
C ILE D 161 -27.15 3.68 -6.69
N ARG D 162 -27.68 4.02 -7.86
CA ARG D 162 -29.11 4.21 -8.04
C ARG D 162 -29.90 3.03 -7.51
N LYS D 163 -29.50 1.84 -7.96
CA LYS D 163 -30.18 0.63 -7.56
C LYS D 163 -30.08 0.41 -6.07
N GLN D 164 -28.93 0.73 -5.50
CA GLN D 164 -28.78 0.58 -4.07
C GLN D 164 -29.71 1.54 -3.33
N VAL D 165 -29.81 2.76 -3.84
CA VAL D 165 -30.70 3.78 -3.26
C VAL D 165 -32.16 3.36 -3.35
N LEU D 166 -32.57 2.96 -4.55
CA LEU D 166 -33.91 2.45 -4.81
C LEU D 166 -34.27 1.32 -3.84
N GLY D 167 -33.27 0.53 -3.46
CA GLY D 167 -33.50 -0.62 -2.61
C GLY D 167 -33.82 -0.26 -1.18
N THR D 168 -33.29 0.88 -0.73
CA THR D 168 -33.43 1.30 0.67
C THR D 168 -34.87 1.71 1.04
N LYS D 169 -35.72 1.87 0.04
CA LYS D 169 -37.11 2.24 0.28
C LYS D 169 -37.82 1.09 1.01
N VAL D 170 -37.29 -0.11 0.85
CA VAL D 170 -37.81 -1.29 1.53
C VAL D 170 -37.41 -1.26 3.00
N ASP D 171 -36.18 -0.79 3.26
CA ASP D 171 -35.68 -0.60 4.62
C ASP D 171 -36.46 0.48 5.34
N ALA D 172 -36.76 1.55 4.61
CA ALA D 172 -37.49 2.69 5.16
C ALA D 172 -38.85 2.24 5.65
N GLU D 173 -39.52 1.48 4.79
CA GLU D 173 -40.82 0.89 5.06
C GLU D 173 -40.80 0.05 6.31
N ARG D 174 -39.88 -0.90 6.33
CA ARG D 174 -39.84 -1.85 7.41
C ARG D 174 -39.59 -1.16 8.75
N ASP D 175 -38.79 -0.10 8.72
CA ASP D 175 -38.48 0.66 9.94
C ASP D 175 -39.47 1.78 10.18
N GLY D 176 -40.32 2.04 9.20
CA GLY D 176 -41.36 3.04 9.33
C GLY D 176 -40.90 4.49 9.26
N VAL D 177 -39.80 4.77 8.55
CA VAL D 177 -39.38 6.16 8.43
C VAL D 177 -40.02 6.82 7.21
N LYS D 178 -40.44 8.07 7.39
CA LYS D 178 -40.90 8.88 6.29
C LYS D 178 -39.73 9.71 5.79
N VAL D 179 -39.27 9.41 4.58
CA VAL D 179 -38.15 10.12 4.00
C VAL D 179 -38.67 11.39 3.34
N PRO D 180 -38.19 12.56 3.83
CA PRO D 180 -38.55 13.87 3.27
C PRO D 180 -38.41 13.93 1.75
N MET E 3 -13.97 23.50 -15.57
CA MET E 3 -15.05 23.71 -16.53
C MET E 3 -14.58 23.57 -17.97
N GLY E 4 -15.07 22.53 -18.64
CA GLY E 4 -15.07 22.44 -20.09
C GLY E 4 -13.70 22.42 -20.71
N MET E 5 -12.68 22.82 -19.96
CA MET E 5 -11.47 23.27 -20.63
C MET E 5 -10.44 22.20 -20.91
N GLN E 6 -9.79 22.37 -22.05
CA GLN E 6 -8.74 21.48 -22.47
C GLN E 6 -7.41 22.14 -22.25
N ILE E 7 -6.41 21.33 -21.93
CA ILE E 7 -5.03 21.77 -21.98
C ILE E 7 -4.21 20.73 -22.74
N PHE E 8 -3.05 21.16 -23.26
CA PHE E 8 -2.21 20.31 -24.08
C PHE E 8 -0.91 19.97 -23.34
N VAL E 9 -0.43 18.74 -23.49
CA VAL E 9 0.82 18.32 -22.85
C VAL E 9 1.78 17.71 -23.87
N LYS E 10 2.95 18.34 -24.02
CA LYS E 10 3.93 17.89 -25.01
C LYS E 10 4.96 16.93 -24.43
N THR E 11 5.03 15.73 -25.01
CA THR E 11 6.06 14.75 -24.69
C THR E 11 7.40 15.08 -25.34
N LEU E 12 8.46 14.48 -24.81
CA LEU E 12 9.80 14.62 -25.37
C LEU E 12 9.92 14.10 -26.80
N THR E 13 8.93 13.34 -27.26
CA THR E 13 8.98 12.78 -28.61
C THR E 13 8.31 13.70 -29.63
N GLY E 14 7.67 14.76 -29.14
CA GLY E 14 6.94 15.66 -30.00
C GLY E 14 5.44 15.40 -29.99
N LYS E 15 5.01 14.39 -29.23
CA LYS E 15 3.61 14.05 -29.20
C LYS E 15 2.83 15.05 -28.34
N THR E 16 1.70 15.50 -28.87
CA THR E 16 0.82 16.37 -28.11
C THR E 16 -0.34 15.56 -27.57
N ILE E 17 -0.44 15.53 -26.25
CA ILE E 17 -1.51 14.84 -25.55
C ILE E 17 -2.52 15.88 -25.13
N THR E 18 -3.78 15.67 -25.49
CA THR E 18 -4.84 16.59 -25.12
C THR E 18 -5.55 16.11 -23.86
N LEU E 19 -5.82 17.02 -22.93
CA LEU E 19 -6.43 16.66 -21.66
C LEU E 19 -7.68 17.47 -21.34
N GLU E 20 -8.64 16.85 -20.66
CA GLU E 20 -9.83 17.55 -20.21
C GLU E 20 -9.68 17.87 -18.73
N VAL E 21 -9.72 19.15 -18.36
CA VAL E 21 -9.42 19.52 -16.99
C VAL E 21 -10.33 20.61 -16.39
N GLU E 22 -10.22 20.78 -15.07
CA GLU E 22 -10.85 21.88 -14.35
C GLU E 22 -9.76 22.69 -13.65
N PRO E 23 -10.01 23.98 -13.39
CA PRO E 23 -9.01 24.81 -12.71
C PRO E 23 -8.76 24.32 -11.28
N SER E 24 -9.72 23.58 -10.74
CA SER E 24 -9.59 23.07 -9.38
C SER E 24 -8.77 21.78 -9.33
N ASP E 25 -8.47 21.21 -10.49
CA ASP E 25 -7.68 19.98 -10.54
C ASP E 25 -6.27 20.24 -10.04
N THR E 26 -5.72 19.29 -9.29
CA THR E 26 -4.35 19.42 -8.79
C THR E 26 -3.38 18.92 -9.84
N ILE E 27 -2.09 19.08 -9.57
CA ILE E 27 -1.10 18.59 -10.50
C ILE E 27 -1.03 17.09 -10.32
N GLU E 28 -1.22 16.66 -9.08
CA GLU E 28 -1.22 15.24 -8.75
C GLU E 28 -2.23 14.45 -9.58
N ASN E 29 -3.41 15.02 -9.84
CA ASN E 29 -4.40 14.28 -10.61
C ASN E 29 -4.41 14.57 -12.12
N VAL E 30 -3.58 15.51 -12.56
CA VAL E 30 -3.34 15.70 -13.99
C VAL E 30 -2.33 14.64 -14.46
N LYS E 31 -1.44 14.25 -13.56
CA LYS E 31 -0.53 13.15 -13.84
C LYS E 31 -1.33 11.86 -13.87
N ALA E 32 -2.40 11.84 -13.09
CA ALA E 32 -3.35 10.73 -13.12
C ALA E 32 -3.94 10.66 -14.52
N LYS E 33 -4.37 11.83 -15.01
CA LYS E 33 -4.86 11.97 -16.37
C LYS E 33 -3.86 11.43 -17.40
N ILE E 34 -2.57 11.65 -17.14
CA ILE E 34 -1.53 11.26 -18.08
C ILE E 34 -1.24 9.75 -18.02
N GLN E 35 -1.24 9.20 -16.81
CA GLN E 35 -1.02 7.77 -16.63
C GLN E 35 -2.08 6.98 -17.38
N ASP E 36 -3.31 7.45 -17.31
CA ASP E 36 -4.43 6.84 -17.99
C ASP E 36 -4.23 6.70 -19.50
N LYS E 37 -3.66 7.72 -20.13
CA LYS E 37 -3.35 7.61 -21.54
C LYS E 37 -2.01 6.97 -21.91
N GLU E 38 -0.96 7.33 -21.20
CA GLU E 38 0.36 6.81 -21.54
C GLU E 38 0.95 5.71 -20.65
N GLY E 39 0.31 5.41 -19.53
CA GLY E 39 0.84 4.42 -18.60
C GLY E 39 2.10 4.81 -17.84
N ILE E 40 2.47 6.09 -17.87
CA ILE E 40 3.66 6.54 -17.14
C ILE E 40 3.31 6.84 -15.70
N PRO E 41 4.03 6.21 -14.76
CA PRO E 41 3.66 6.39 -13.36
C PRO E 41 3.86 7.81 -12.91
N PRO E 42 2.84 8.37 -12.26
CA PRO E 42 2.87 9.77 -11.82
C PRO E 42 4.11 10.11 -11.00
N ASP E 43 4.76 9.15 -10.36
CA ASP E 43 5.89 9.59 -9.55
C ASP E 43 7.09 10.00 -10.40
N GLN E 44 7.19 9.50 -11.63
CA GLN E 44 8.31 9.91 -12.47
C GLN E 44 7.97 11.04 -13.43
N GLN E 45 6.72 11.51 -13.41
CA GLN E 45 6.30 12.61 -14.27
C GLN E 45 6.74 13.96 -13.72
N ARG E 46 7.11 14.87 -14.62
CA ARG E 46 7.39 16.25 -14.25
C ARG E 46 6.82 17.20 -15.30
N LEU E 47 6.03 18.17 -14.84
CA LEU E 47 5.35 19.09 -15.73
C LEU E 47 5.95 20.48 -15.62
N ILE E 48 6.32 21.05 -16.76
CA ILE E 48 6.99 22.34 -16.79
C ILE E 48 6.15 23.41 -17.48
N PHE E 49 6.02 24.56 -16.83
CA PHE E 49 5.34 25.70 -17.40
C PHE E 49 6.12 26.98 -17.08
N ALA E 50 6.43 27.76 -18.11
CA ALA E 50 7.19 29.01 -17.94
C ALA E 50 8.42 28.83 -17.06
N GLY E 51 9.17 27.77 -17.32
CA GLY E 51 10.41 27.54 -16.61
C GLY E 51 10.22 26.91 -15.24
N LYS E 52 8.97 26.65 -14.86
CA LYS E 52 8.67 26.10 -13.55
C LYS E 52 8.17 24.67 -13.61
N GLN E 53 8.66 23.85 -12.68
CA GLN E 53 8.19 22.49 -12.49
C GLN E 53 7.08 22.54 -11.46
N LEU E 54 5.86 22.19 -11.87
CA LEU E 54 4.69 22.34 -11.00
C LEU E 54 4.63 21.28 -9.90
N GLU E 55 4.25 21.70 -8.71
CA GLU E 55 4.23 20.84 -7.52
C GLU E 55 2.90 20.14 -7.32
N ASP E 56 2.95 18.88 -6.89
CA ASP E 56 1.73 18.13 -6.58
C ASP E 56 1.09 18.68 -5.33
N GLY E 57 -0.20 18.97 -5.39
CA GLY E 57 -0.88 19.57 -4.25
C GLY E 57 -1.20 21.03 -4.47
N ARG E 58 -0.54 21.66 -5.43
CA ARG E 58 -1.00 22.94 -5.93
C ARG E 58 -2.01 22.64 -7.02
N THR E 59 -2.64 23.67 -7.57
CA THR E 59 -3.66 23.49 -8.57
C THR E 59 -3.36 24.34 -9.79
N LEU E 60 -4.06 24.06 -10.89
CA LEU E 60 -3.88 24.82 -12.11
C LEU E 60 -4.19 26.30 -11.91
N SER E 61 -5.08 26.58 -10.97
CA SER E 61 -5.53 27.95 -10.70
C SER E 61 -4.45 28.78 -9.98
N ASP E 62 -3.69 28.11 -9.11
CA ASP E 62 -2.64 28.79 -8.37
C ASP E 62 -1.48 29.20 -9.27
N TYR E 63 -1.35 28.51 -10.41
CA TYR E 63 -0.36 28.89 -11.42
C TYR E 63 -1.02 29.75 -12.48
N ASN E 64 -2.31 30.01 -12.31
CA ASN E 64 -3.10 30.77 -13.28
C ASN E 64 -2.93 30.21 -14.69
N ILE E 65 -2.93 28.89 -14.78
CA ILE E 65 -2.84 28.25 -16.06
C ILE E 65 -4.23 28.35 -16.64
N GLN E 66 -4.35 29.07 -17.75
CA GLN E 66 -5.65 29.34 -18.35
C GLN E 66 -5.92 28.33 -19.43
N LYS E 67 -7.08 28.49 -20.07
CA LYS E 67 -7.52 27.59 -21.11
C LYS E 67 -6.45 27.44 -22.19
N GLU E 68 -6.18 26.19 -22.53
CA GLU E 68 -5.39 25.79 -23.69
C GLU E 68 -3.90 26.16 -23.64
N SER E 69 -3.36 26.16 -22.42
CA SER E 69 -1.93 26.33 -22.22
C SER E 69 -1.22 24.99 -22.39
N THR E 70 -0.06 25.01 -23.01
CA THR E 70 0.66 23.78 -23.27
C THR E 70 1.77 23.49 -22.25
N LEU E 71 1.59 22.44 -21.47
CA LEU E 71 2.60 21.97 -20.52
C LEU E 71 3.65 21.09 -21.22
N HIS E 72 4.84 21.03 -20.66
CA HIS E 72 5.90 20.16 -21.19
C HIS E 72 6.30 19.08 -20.20
N LEU E 73 6.24 17.83 -20.65
CA LEU E 73 6.52 16.69 -19.78
C LEU E 73 7.98 16.23 -19.86
N VAL E 74 8.55 15.95 -18.69
CA VAL E 74 9.90 15.41 -18.55
C VAL E 74 9.84 14.33 -17.47
N LEU E 75 10.73 13.34 -17.54
CA LEU E 75 10.72 12.25 -16.57
C LEU E 75 11.90 12.27 -15.61
N ARG E 76 11.64 11.80 -14.38
CA ARG E 76 12.64 11.68 -13.34
C ARG E 76 12.40 10.43 -12.50
N LEU E 77 13.40 9.57 -12.36
CA LEU E 77 13.27 8.43 -11.46
C LEU E 77 13.56 8.75 -10.00
N ARG E 78 14.54 9.62 -9.78
CA ARG E 78 15.12 9.80 -8.47
C ARG E 78 15.41 11.27 -8.18
N MET F 3 29.22 -32.62 6.91
CA MET F 3 28.14 -32.21 7.79
C MET F 3 27.67 -30.78 7.52
N GLY F 4 26.36 -30.64 7.37
CA GLY F 4 25.76 -29.40 6.95
C GLY F 4 24.42 -29.40 7.64
N MET F 5 23.58 -28.39 7.39
CA MET F 5 22.43 -28.22 8.26
C MET F 5 21.21 -27.54 7.62
N GLN F 6 20.08 -27.66 8.30
CA GLN F 6 18.85 -26.97 7.92
C GLN F 6 18.59 -25.79 8.84
N ILE F 7 18.06 -24.73 8.24
CA ILE F 7 17.71 -23.51 8.98
C ILE F 7 16.42 -23.01 8.40
N PHE F 8 15.65 -22.24 9.17
CA PHE F 8 14.38 -21.74 8.66
C PHE F 8 14.35 -20.25 8.54
N VAL F 9 13.61 -19.78 7.56
CA VAL F 9 13.44 -18.36 7.37
C VAL F 9 11.95 -18.03 7.32
N LYS F 10 11.45 -17.33 8.34
CA LYS F 10 10.04 -16.98 8.40
C LYS F 10 9.79 -15.65 7.73
N THR F 11 8.81 -15.59 6.84
CA THR F 11 8.59 -14.35 6.11
C THR F 11 7.50 -13.53 6.76
N LEU F 12 7.22 -12.37 6.18
CA LEU F 12 6.25 -11.48 6.78
C LEU F 12 4.81 -11.91 6.52
N THR F 13 4.64 -12.77 5.54
CA THR F 13 3.31 -13.24 5.16
C THR F 13 2.94 -14.57 5.83
N GLY F 14 3.81 -15.07 6.69
CA GLY F 14 3.50 -16.23 7.51
C GLY F 14 4.17 -17.52 7.10
N LYS F 15 4.93 -17.48 6.02
CA LYS F 15 5.50 -18.70 5.46
C LYS F 15 6.64 -19.23 6.32
N THR F 16 6.98 -20.50 6.09
CA THR F 16 8.19 -21.05 6.67
C THR F 16 9.03 -21.73 5.59
N ILE F 17 10.18 -21.15 5.27
CA ILE F 17 11.08 -21.69 4.27
C ILE F 17 12.13 -22.55 4.94
N THR F 18 12.50 -23.65 4.29
CA THR F 18 13.60 -24.46 4.76
C THR F 18 14.76 -24.31 3.80
N LEU F 19 15.99 -24.29 4.32
CA LEU F 19 17.16 -24.25 3.45
C LEU F 19 18.19 -25.25 3.92
N GLU F 20 19.03 -25.68 2.99
CA GLU F 20 20.18 -26.50 3.34
C GLU F 20 21.38 -25.58 3.33
N VAL F 21 22.13 -25.54 4.42
CA VAL F 21 23.29 -24.64 4.49
C VAL F 21 24.46 -25.25 5.26
N GLU F 22 25.55 -24.50 5.34
CA GLU F 22 26.67 -24.82 6.21
C GLU F 22 26.88 -23.65 7.15
N PRO F 23 27.56 -23.91 8.29
CA PRO F 23 28.00 -22.78 9.11
C PRO F 23 28.87 -21.81 8.30
N SER F 24 29.61 -22.33 7.33
CA SER F 24 30.57 -21.54 6.57
C SER F 24 29.94 -20.52 5.62
N ASP F 25 28.67 -20.72 5.28
CA ASP F 25 28.00 -19.87 4.30
C ASP F 25 27.93 -18.40 4.72
N THR F 26 28.26 -17.52 3.78
CA THR F 26 28.11 -16.09 4.01
C THR F 26 26.65 -15.71 3.81
N ILE F 27 26.24 -14.64 4.50
CA ILE F 27 24.86 -14.17 4.44
C ILE F 27 24.46 -13.92 2.99
N GLU F 28 25.43 -13.49 2.20
CA GLU F 28 25.13 -13.11 0.84
C GLU F 28 24.66 -14.29 0.01
N ASN F 29 25.20 -15.47 0.29
CA ASN F 29 24.70 -16.63 -0.43
C ASN F 29 23.65 -17.45 0.31
N VAL F 30 23.25 -16.97 1.49
CA VAL F 30 22.02 -17.46 2.10
C VAL F 30 20.87 -16.73 1.42
N LYS F 31 21.07 -15.43 1.21
CA LYS F 31 20.11 -14.62 0.49
C LYS F 31 19.94 -15.17 -0.91
N ALA F 32 21.04 -15.59 -1.50
CA ALA F 32 21.05 -16.15 -2.85
C ALA F 32 20.18 -17.41 -2.94
N LYS F 33 20.23 -18.24 -1.89
CA LYS F 33 19.41 -19.45 -1.82
C LYS F 33 17.92 -19.11 -1.72
N ILE F 34 17.61 -18.05 -0.98
CA ILE F 34 16.24 -17.61 -0.82
C ILE F 34 15.68 -17.14 -2.17
N GLN F 35 16.56 -16.64 -3.02
CA GLN F 35 16.13 -16.24 -4.35
C GLN F 35 15.84 -17.48 -5.19
N ASP F 36 16.71 -18.47 -5.12
CA ASP F 36 16.50 -19.73 -5.81
C ASP F 36 15.20 -20.37 -5.34
N LYS F 37 14.91 -20.20 -4.05
CA LYS F 37 13.69 -20.74 -3.47
C LYS F 37 12.45 -19.86 -3.68
N GLU F 38 12.56 -18.58 -3.32
CA GLU F 38 11.44 -17.64 -3.38
C GLU F 38 11.41 -16.59 -4.48
N GLY F 39 12.47 -16.49 -5.28
CA GLY F 39 12.53 -15.46 -6.31
C GLY F 39 12.52 -14.02 -5.83
N ILE F 40 12.98 -13.77 -4.61
CA ILE F 40 13.12 -12.41 -4.08
C ILE F 40 14.57 -11.92 -4.21
N PRO F 41 14.77 -10.71 -4.77
CA PRO F 41 16.12 -10.15 -4.94
C PRO F 41 16.87 -10.01 -3.61
N PRO F 42 18.16 -10.37 -3.60
CA PRO F 42 19.03 -10.18 -2.43
C PRO F 42 19.20 -8.72 -2.02
N ASP F 43 19.03 -7.81 -2.98
CA ASP F 43 19.13 -6.37 -2.75
C ASP F 43 18.16 -5.91 -1.67
N GLN F 44 16.92 -6.39 -1.77
CA GLN F 44 15.87 -5.97 -0.84
C GLN F 44 15.59 -6.94 0.31
N GLN F 45 16.39 -7.99 0.43
CA GLN F 45 16.27 -8.86 1.59
C GLN F 45 16.91 -8.18 2.78
N ARG F 46 16.35 -8.40 3.97
CA ARG F 46 17.08 -8.16 5.21
C ARG F 46 16.76 -9.32 6.13
N LEU F 47 17.78 -9.88 6.78
CA LEU F 47 17.57 -11.02 7.64
C LEU F 47 17.83 -10.66 9.09
N ILE F 48 16.87 -11.00 9.95
CA ILE F 48 16.93 -10.63 11.35
C ILE F 48 17.03 -11.83 12.27
N PHE F 49 18.04 -11.81 13.12
CA PHE F 49 18.21 -12.82 14.15
C PHE F 49 18.76 -12.11 15.38
N ALA F 50 18.16 -12.34 16.54
CA ALA F 50 18.65 -11.77 17.80
C ALA F 50 18.65 -10.24 17.83
N GLY F 51 17.70 -9.62 17.12
CA GLY F 51 17.60 -8.18 17.10
C GLY F 51 18.50 -7.52 16.08
N LYS F 52 19.33 -8.32 15.41
CA LYS F 52 20.30 -7.80 14.46
C LYS F 52 19.92 -8.10 13.01
N GLN F 53 20.00 -7.09 12.15
CA GLN F 53 20.01 -7.32 10.72
C GLN F 53 21.40 -7.82 10.37
N LEU F 54 21.48 -8.95 9.67
CA LEU F 54 22.75 -9.60 9.42
C LEU F 54 23.49 -9.01 8.23
N GLU F 55 24.80 -8.85 8.39
CA GLU F 55 25.61 -8.21 7.36
C GLU F 55 26.20 -9.18 6.34
N ASP F 56 26.12 -8.78 5.07
CA ASP F 56 26.69 -9.56 3.99
C ASP F 56 28.20 -9.55 4.14
N GLY F 57 28.81 -10.69 3.84
CA GLY F 57 30.24 -10.83 3.99
C GLY F 57 30.64 -11.53 5.27
N ARG F 58 29.73 -11.59 6.23
CA ARG F 58 30.01 -12.37 7.41
C ARG F 58 29.36 -13.72 7.28
N THR F 59 29.64 -14.61 8.22
CA THR F 59 29.11 -15.95 8.09
C THR F 59 27.95 -16.19 9.05
N LEU F 60 27.32 -17.35 8.92
CA LEU F 60 26.23 -17.72 9.79
C LEU F 60 26.82 -18.11 11.14
N SER F 61 28.06 -18.56 11.07
CA SER F 61 28.81 -18.97 12.24
C SER F 61 29.11 -17.77 13.14
N ASP F 62 29.32 -16.62 12.51
CA ASP F 62 29.73 -15.42 13.23
C ASP F 62 28.62 -14.83 14.08
N TYR F 63 27.38 -15.17 13.73
CA TYR F 63 26.21 -14.73 14.48
C TYR F 63 25.71 -15.81 15.44
N ASN F 64 26.44 -16.92 15.47
CA ASN F 64 26.10 -18.08 16.31
C ASN F 64 24.82 -18.80 15.84
N ILE F 65 24.61 -18.80 14.53
CA ILE F 65 23.51 -19.58 13.95
C ILE F 65 23.89 -21.05 13.77
N GLN F 66 23.05 -21.93 14.30
CA GLN F 66 23.31 -23.36 14.27
C GLN F 66 22.12 -24.10 13.64
N LYS F 67 22.17 -25.43 13.68
CA LYS F 67 21.15 -26.27 13.05
C LYS F 67 19.75 -26.02 13.58
N GLU F 68 18.78 -26.01 12.67
CA GLU F 68 17.36 -25.86 12.98
C GLU F 68 17.01 -24.52 13.61
N SER F 69 17.83 -23.51 13.33
CA SER F 69 17.54 -22.18 13.85
C SER F 69 16.67 -21.41 12.90
N THR F 70 16.24 -20.24 13.34
CA THR F 70 15.24 -19.52 12.62
C THR F 70 15.61 -18.05 12.47
N LEU F 71 15.62 -17.61 11.22
CA LEU F 71 15.88 -16.22 10.86
C LEU F 71 14.55 -15.63 10.46
N HIS F 72 14.42 -14.33 10.62
CA HIS F 72 13.22 -13.65 10.15
C HIS F 72 13.55 -12.64 9.08
N LEU F 73 12.66 -12.54 8.11
CA LEU F 73 12.96 -11.85 6.89
C LEU F 73 12.10 -10.62 6.75
N VAL F 74 12.73 -9.54 6.31
CA VAL F 74 12.05 -8.28 6.17
C VAL F 74 12.60 -7.60 4.94
N LEU F 75 11.76 -6.83 4.28
CA LEU F 75 12.13 -6.24 3.02
C LEU F 75 12.26 -4.73 3.17
N ARG F 76 13.27 -4.16 2.51
CA ARG F 76 13.52 -2.72 2.54
C ARG F 76 13.98 -2.29 1.17
N LEU F 77 13.49 -1.13 0.71
CA LEU F 77 13.97 -0.61 -0.56
C LEU F 77 15.05 0.46 -0.39
N ARG F 78 15.32 0.84 0.86
CA ARG F 78 16.24 1.95 1.17
C ARG F 78 17.48 2.00 0.27
N GLN G 6 5.28 -37.47 19.29
CA GLN G 6 4.71 -36.20 18.83
C GLN G 6 4.23 -36.34 17.40
N ILE G 7 3.20 -35.60 17.00
CA ILE G 7 2.89 -35.56 15.58
C ILE G 7 2.87 -34.14 15.07
N PHE G 8 3.02 -34.03 13.76
CA PHE G 8 3.19 -32.73 13.14
C PHE G 8 2.00 -32.46 12.24
N VAL G 9 1.60 -31.20 12.19
CA VAL G 9 0.45 -30.83 11.40
C VAL G 9 0.74 -29.60 10.56
N LYS G 10 0.70 -29.78 9.25
CA LYS G 10 1.16 -28.74 8.37
C LYS G 10 0.01 -27.84 8.06
N THR G 11 0.10 -26.59 8.49
CA THR G 11 -0.97 -25.73 8.12
C THR G 11 -0.69 -25.21 6.74
N LEU G 12 -1.70 -24.51 6.28
CA LEU G 12 -1.78 -23.93 4.98
C LEU G 12 -0.47 -23.24 4.73
N THR G 13 -0.25 -22.18 5.48
CA THR G 13 0.80 -21.21 5.22
C THR G 13 2.21 -21.77 5.21
N GLY G 14 2.36 -23.03 5.59
CA GLY G 14 3.67 -23.65 5.60
C GLY G 14 4.18 -23.84 7.01
N LYS G 15 3.41 -23.38 7.98
CA LYS G 15 3.78 -23.58 9.37
C LYS G 15 3.47 -25.02 9.76
N THR G 16 4.46 -25.71 10.30
CA THR G 16 4.14 -26.94 10.98
C THR G 16 3.61 -26.56 12.36
N ILE G 17 2.86 -27.47 12.96
CA ILE G 17 2.47 -27.33 14.33
C ILE G 17 2.69 -28.64 15.06
N THR G 18 3.56 -28.63 16.05
CA THR G 18 3.88 -29.86 16.77
C THR G 18 2.84 -30.09 17.84
N LEU G 19 2.33 -31.31 17.88
CA LEU G 19 1.26 -31.63 18.80
C LEU G 19 1.58 -32.82 19.69
N GLU G 20 1.06 -32.73 20.91
CA GLU G 20 1.15 -33.74 21.93
C GLU G 20 -0.08 -34.61 21.87
N VAL G 21 0.08 -35.91 21.72
CA VAL G 21 -1.09 -36.79 21.69
C VAL G 21 -0.86 -38.15 22.24
N GLU G 22 -1.95 -38.83 22.44
CA GLU G 22 -1.92 -40.24 22.52
C GLU G 22 -2.75 -40.68 21.32
N PRO G 23 -2.32 -41.81 20.62
CA PRO G 23 -3.35 -42.49 19.77
C PRO G 23 -4.68 -42.86 20.36
N SER G 24 -4.85 -42.72 21.68
CA SER G 24 -6.19 -42.83 22.26
C SER G 24 -7.14 -41.72 21.79
N ASP G 25 -6.61 -40.50 21.66
CA ASP G 25 -7.44 -39.32 21.34
C ASP G 25 -8.22 -39.43 20.04
N THR G 26 -9.41 -38.81 20.01
CA THR G 26 -10.20 -38.76 18.80
C THR G 26 -9.75 -37.57 17.98
N ILE G 27 -10.30 -37.39 16.80
CA ILE G 27 -9.91 -36.23 16.01
C ILE G 27 -10.67 -35.00 16.49
N GLU G 28 -11.85 -35.25 17.05
CA GLU G 28 -12.68 -34.22 17.67
C GLU G 28 -11.78 -33.36 18.54
N ASN G 29 -10.98 -34.00 19.39
CA ASN G 29 -10.16 -33.20 20.27
C ASN G 29 -8.84 -32.73 19.71
N VAL G 30 -8.32 -33.40 18.67
CA VAL G 30 -7.08 -32.93 18.11
C VAL G 30 -7.35 -31.53 17.63
N LYS G 31 -8.52 -31.39 17.00
CA LYS G 31 -8.98 -30.08 16.55
C LYS G 31 -9.14 -29.17 17.75
N ALA G 32 -9.50 -29.74 18.90
CA ALA G 32 -9.66 -28.95 20.11
C ALA G 32 -8.29 -28.41 20.51
N LYS G 33 -7.28 -29.28 20.44
CA LYS G 33 -5.95 -28.85 20.80
C LYS G 33 -5.54 -27.73 19.85
N ILE G 34 -6.00 -27.82 18.62
CA ILE G 34 -5.62 -26.87 17.61
C ILE G 34 -6.24 -25.51 17.88
N GLN G 35 -7.50 -25.52 18.26
CA GLN G 35 -8.16 -24.28 18.60
C GLN G 35 -7.38 -23.58 19.71
N ASP G 36 -6.98 -24.32 20.73
CA ASP G 36 -6.22 -23.76 21.85
C ASP G 36 -5.06 -22.93 21.34
N LYS G 37 -4.35 -23.48 20.36
CA LYS G 37 -3.20 -22.79 19.83
C LYS G 37 -3.67 -21.68 18.91
N GLU G 38 -4.15 -22.08 17.73
CA GLU G 38 -4.39 -21.14 16.65
C GLU G 38 -5.73 -20.44 16.71
N GLY G 39 -6.63 -20.92 17.55
CA GLY G 39 -7.90 -20.22 17.77
C GLY G 39 -8.95 -20.41 16.69
N ILE G 40 -8.82 -21.47 15.91
CA ILE G 40 -9.80 -21.74 14.87
C ILE G 40 -10.80 -22.78 15.27
N PRO G 41 -12.09 -22.42 15.15
CA PRO G 41 -13.15 -23.32 15.57
C PRO G 41 -12.95 -24.69 14.98
N PRO G 42 -13.27 -25.73 15.75
CA PRO G 42 -13.10 -27.08 15.21
C PRO G 42 -14.13 -27.33 14.12
N ASP G 43 -15.18 -26.54 14.09
CA ASP G 43 -16.20 -26.71 13.05
C ASP G 43 -15.64 -26.33 11.69
N GLN G 44 -14.72 -25.38 11.64
CA GLN G 44 -14.08 -25.02 10.37
C GLN G 44 -12.75 -25.72 10.08
N GLN G 45 -12.39 -26.69 10.91
CA GLN G 45 -11.20 -27.50 10.67
C GLN G 45 -11.48 -28.72 9.79
N ARG G 46 -10.50 -29.09 8.97
CA ARG G 46 -10.57 -30.30 8.17
C ARG G 46 -9.17 -30.94 8.13
N LEU G 47 -9.05 -32.20 8.52
CA LEU G 47 -7.73 -32.84 8.59
C LEU G 47 -7.53 -33.89 7.51
N ILE G 48 -6.41 -33.81 6.81
CA ILE G 48 -6.13 -34.72 5.72
C ILE G 48 -4.93 -35.60 5.99
N PHE G 49 -5.09 -36.90 5.76
CA PHE G 49 -3.96 -37.79 5.76
C PHE G 49 -4.17 -38.78 4.63
N ALA G 50 -3.14 -38.94 3.81
CA ALA G 50 -3.16 -39.92 2.73
C ALA G 50 -4.41 -39.80 1.85
N GLY G 51 -4.78 -38.56 1.53
CA GLY G 51 -5.91 -38.31 0.64
C GLY G 51 -7.27 -38.53 1.26
N LYS G 52 -7.32 -38.76 2.57
CA LYS G 52 -8.60 -38.97 3.25
C LYS G 52 -8.84 -37.93 4.34
N GLN G 53 -10.08 -37.45 4.40
CA GLN G 53 -10.50 -36.50 5.42
C GLN G 53 -11.04 -37.27 6.62
N LEU G 54 -10.53 -36.97 7.80
CA LEU G 54 -10.81 -37.77 8.97
C LEU G 54 -12.04 -37.25 9.69
N GLU G 55 -13.01 -38.12 9.94
CA GLU G 55 -14.24 -37.71 10.63
C GLU G 55 -14.12 -37.64 12.15
N ASP G 56 -14.95 -36.77 12.75
CA ASP G 56 -15.02 -36.63 14.20
C ASP G 56 -15.70 -37.83 14.82
N GLY G 57 -15.15 -38.31 15.93
CA GLY G 57 -15.73 -39.46 16.59
C GLY G 57 -14.92 -40.71 16.33
N ARG G 58 -13.87 -40.58 15.54
CA ARG G 58 -12.95 -41.70 15.33
C ARG G 58 -11.61 -41.38 15.96
N THR G 59 -10.69 -42.33 15.88
CA THR G 59 -9.51 -42.30 16.70
C THR G 59 -8.31 -42.13 15.80
N LEU G 60 -7.18 -41.72 16.39
CA LEU G 60 -5.95 -41.66 15.65
C LEU G 60 -5.49 -43.06 15.28
N SER G 61 -5.74 -43.99 16.18
CA SER G 61 -5.28 -45.37 16.00
C SER G 61 -6.10 -46.09 14.93
N ASP G 62 -7.41 -45.84 14.93
CA ASP G 62 -8.32 -46.41 13.95
C ASP G 62 -7.93 -45.98 12.53
N TYR G 63 -7.13 -44.91 12.44
CA TYR G 63 -6.49 -44.57 11.18
C TYR G 63 -5.04 -45.03 11.07
N ASN G 64 -4.56 -45.80 12.05
CA ASN G 64 -3.18 -46.27 12.06
C ASN G 64 -2.20 -45.14 11.77
N ILE G 65 -2.42 -43.99 12.39
CA ILE G 65 -1.40 -42.96 12.37
C ILE G 65 -0.45 -43.35 13.48
N GLN G 66 0.83 -43.32 13.17
CA GLN G 66 1.83 -43.66 14.16
C GLN G 66 2.55 -42.42 14.63
N LYS G 67 3.48 -42.63 15.56
CA LYS G 67 4.28 -41.55 16.09
C LYS G 67 4.91 -40.78 14.93
N GLU G 68 4.82 -39.46 15.02
CA GLU G 68 5.55 -38.55 14.13
C GLU G 68 5.11 -38.56 12.67
N SER G 69 3.83 -38.80 12.45
CA SER G 69 3.24 -38.63 11.14
C SER G 69 3.08 -37.16 10.87
N THR G 70 2.49 -36.85 9.73
CA THR G 70 2.20 -35.47 9.41
C THR G 70 0.82 -35.28 8.81
N LEU G 71 -0.03 -34.54 9.51
CA LEU G 71 -1.38 -34.26 9.05
C LEU G 71 -1.44 -32.89 8.39
N HIS G 72 -2.32 -32.75 7.39
CA HIS G 72 -2.44 -31.51 6.66
C HIS G 72 -3.80 -30.89 6.91
N LEU G 73 -3.83 -29.58 7.08
CA LEU G 73 -5.06 -28.92 7.51
C LEU G 73 -5.61 -27.96 6.45
N VAL G 74 -6.94 -27.92 6.36
CA VAL G 74 -7.67 -27.20 5.34
C VAL G 74 -8.93 -26.71 6.03
N LEU G 75 -9.53 -25.64 5.51
CA LEU G 75 -10.62 -25.01 6.25
C LEU G 75 -11.91 -24.82 5.45
N ARG G 76 -13.03 -24.99 6.15
CA ARG G 76 -14.32 -24.98 5.50
C ARG G 76 -15.39 -24.35 6.36
N LEU G 77 -16.17 -23.48 5.74
CA LEU G 77 -17.08 -22.65 6.49
C LEU G 77 -18.43 -23.34 6.83
N ARG G 78 -18.93 -24.20 5.92
CA ARG G 78 -20.10 -25.03 6.21
C ARG G 78 -20.17 -26.20 5.26
N MET H 3 -26.60 46.01 0.26
CA MET H 3 -25.92 44.85 0.81
C MET H 3 -26.92 43.71 1.18
N GLY H 4 -27.33 43.41 2.43
CA GLY H 4 -26.79 43.76 3.76
C GLY H 4 -26.15 42.60 4.52
N MET H 5 -25.67 41.60 3.79
CA MET H 5 -25.63 40.22 4.27
C MET H 5 -24.40 39.70 5.03
N GLN H 6 -24.65 38.89 6.06
CA GLN H 6 -23.62 38.18 6.81
C GLN H 6 -23.87 36.67 6.77
N ILE H 7 -22.80 35.89 6.71
CA ILE H 7 -22.92 34.43 6.86
C ILE H 7 -21.86 33.93 7.84
N PHE H 8 -22.08 32.74 8.36
CA PHE H 8 -21.19 32.17 9.37
C PHE H 8 -20.51 30.90 8.92
N VAL H 9 -19.20 30.88 9.06
CA VAL H 9 -18.43 29.70 8.72
C VAL H 9 -17.84 29.10 9.98
N LYS H 10 -18.10 27.82 10.17
CA LYS H 10 -17.78 27.20 11.43
C LYS H 10 -16.71 26.13 11.28
N THR H 11 -15.54 26.39 11.84
CA THR H 11 -14.44 25.45 11.77
C THR H 11 -14.67 24.30 12.73
N LEU H 12 -13.75 23.36 12.69
CA LEU H 12 -13.83 22.16 13.51
C LEU H 12 -13.48 22.44 14.97
N THR H 13 -12.63 23.45 15.19
CA THR H 13 -12.21 23.80 16.56
C THR H 13 -13.37 24.37 17.37
N GLY H 14 -14.49 24.66 16.70
CA GLY H 14 -15.65 25.28 17.31
C GLY H 14 -15.85 26.72 16.91
N LYS H 15 -14.77 27.31 16.38
CA LYS H 15 -14.75 28.71 16.02
C LYS H 15 -15.79 29.11 14.98
N THR H 16 -16.37 30.30 15.16
CA THR H 16 -17.20 30.91 14.13
C THR H 16 -16.41 32.03 13.46
N ILE H 17 -16.36 32.00 12.14
CA ILE H 17 -15.78 33.07 11.36
C ILE H 17 -16.94 33.84 10.76
N THR H 18 -16.83 35.16 10.75
CA THR H 18 -17.92 35.96 10.20
C THR H 18 -17.47 36.64 8.92
N LEU H 19 -18.30 36.54 7.88
CA LEU H 19 -17.96 37.08 6.58
C LEU H 19 -19.08 37.95 6.05
N GLU H 20 -18.70 39.06 5.41
CA GLU H 20 -19.68 39.93 4.79
C GLU H 20 -19.71 39.59 3.31
N VAL H 21 -20.90 39.24 2.82
CA VAL H 21 -21.02 38.55 1.53
C VAL H 21 -22.31 38.89 0.80
N GLU H 22 -22.31 38.67 -0.51
CA GLU H 22 -23.50 38.84 -1.33
C GLU H 22 -23.86 37.48 -1.88
N PRO H 23 -25.16 37.21 -2.07
CA PRO H 23 -25.45 35.88 -2.62
C PRO H 23 -24.90 35.68 -4.03
N SER H 24 -24.55 36.77 -4.71
CA SER H 24 -23.89 36.69 -6.01
C SER H 24 -22.48 36.13 -5.88
N ASP H 25 -21.86 36.33 -4.72
CA ASP H 25 -20.47 35.93 -4.48
C ASP H 25 -20.21 34.44 -4.74
N THR H 26 -19.06 34.16 -5.33
CA THR H 26 -18.72 32.79 -5.70
C THR H 26 -18.15 32.07 -4.50
N ILE H 27 -17.89 30.77 -4.65
CA ILE H 27 -17.37 29.94 -3.57
C ILE H 27 -15.86 30.15 -3.39
N GLU H 28 -15.17 30.39 -4.50
CA GLU H 28 -13.74 30.70 -4.47
C GLU H 28 -13.49 31.96 -3.66
N ASN H 29 -14.30 32.99 -3.92
CA ASN H 29 -14.21 34.24 -3.18
C ASN H 29 -14.40 34.02 -1.68
N VAL H 30 -15.38 33.19 -1.32
CA VAL H 30 -15.63 32.91 0.08
C VAL H 30 -14.38 32.29 0.71
N LYS H 31 -13.74 31.38 -0.03
CA LYS H 31 -12.53 30.75 0.45
C LYS H 31 -11.36 31.70 0.48
N ALA H 32 -11.34 32.60 -0.51
CA ALA H 32 -10.28 33.59 -0.57
C ALA H 32 -10.40 34.48 0.66
N LYS H 33 -11.64 34.77 1.05
CA LYS H 33 -11.92 35.56 2.24
C LYS H 33 -11.50 34.81 3.50
N ILE H 34 -11.76 33.51 3.51
CA ILE H 34 -11.35 32.67 4.63
C ILE H 34 -9.82 32.59 4.72
N GLN H 35 -9.17 32.52 3.57
CA GLN H 35 -7.71 32.52 3.56
C GLN H 35 -7.21 33.86 4.09
N ASP H 36 -7.91 34.93 3.72
CA ASP H 36 -7.54 36.27 4.16
C ASP H 36 -7.53 36.38 5.68
N LYS H 37 -8.56 35.82 6.31
CA LYS H 37 -8.72 35.93 7.75
C LYS H 37 -8.13 34.80 8.58
N GLU H 38 -7.74 33.72 7.92
CA GLU H 38 -7.42 32.48 8.62
C GLU H 38 -6.04 31.91 8.25
N GLY H 39 -5.77 31.84 6.95
CA GLY H 39 -4.47 31.39 6.48
C GLY H 39 -4.44 29.99 5.88
N ILE H 40 -5.61 29.46 5.55
CA ILE H 40 -5.71 28.16 4.90
C ILE H 40 -5.83 28.33 3.39
N PRO H 41 -4.99 27.59 2.63
CA PRO H 41 -5.08 27.64 1.17
C PRO H 41 -6.49 27.28 0.69
N PRO H 42 -7.00 28.03 -0.29
CA PRO H 42 -8.32 27.69 -0.83
C PRO H 42 -8.43 26.25 -1.37
N ASP H 43 -7.33 25.62 -1.76
CA ASP H 43 -7.43 24.27 -2.32
C ASP H 43 -7.64 23.16 -1.28
N GLN H 44 -7.19 23.37 -0.05
CA GLN H 44 -7.42 22.37 0.97
C GLN H 44 -8.71 22.64 1.74
N GLN H 45 -9.46 23.64 1.28
CA GLN H 45 -10.71 23.99 1.93
C GLN H 45 -11.89 23.20 1.36
N ARG H 46 -12.78 22.76 2.26
CA ARG H 46 -14.06 22.18 1.85
C ARG H 46 -15.19 22.77 2.67
N LEU H 47 -16.16 23.37 1.99
CA LEU H 47 -17.32 23.93 2.67
C LEU H 47 -18.54 23.05 2.48
N ILE H 48 -19.26 22.81 3.56
CA ILE H 48 -20.42 21.94 3.53
C ILE H 48 -21.69 22.68 3.96
N PHE H 49 -22.76 22.53 3.18
CA PHE H 49 -24.06 23.08 3.54
C PHE H 49 -25.16 22.14 3.09
N ALA H 50 -26.08 21.82 4.00
CA ALA H 50 -27.13 20.85 3.72
C ALA H 50 -26.64 19.53 3.13
N GLY H 51 -25.49 19.07 3.60
CA GLY H 51 -24.96 17.78 3.17
C GLY H 51 -24.18 17.81 1.85
N LYS H 52 -23.89 19.00 1.33
CA LYS H 52 -23.12 19.10 0.09
C LYS H 52 -21.82 19.87 0.27
N GLN H 53 -20.78 19.41 -0.39
CA GLN H 53 -19.60 20.24 -0.54
C GLN H 53 -19.83 21.24 -1.64
N LEU H 54 -19.73 22.52 -1.30
CA LEU H 54 -19.90 23.58 -2.26
C LEU H 54 -18.81 23.55 -3.33
N GLU H 55 -19.24 23.54 -4.59
CA GLU H 55 -18.32 23.54 -5.71
C GLU H 55 -17.93 24.96 -6.12
N ASP H 56 -16.68 25.10 -6.51
CA ASP H 56 -16.19 26.35 -7.07
C ASP H 56 -16.93 26.62 -8.38
N GLY H 57 -17.02 27.89 -8.76
CA GLY H 57 -17.74 28.26 -9.96
C GLY H 57 -19.23 28.49 -9.69
N ARG H 58 -19.68 28.10 -8.50
CA ARG H 58 -21.08 28.29 -8.12
C ARG H 58 -21.24 29.45 -7.14
N THR H 59 -22.40 30.08 -7.19
CA THR H 59 -22.73 31.21 -6.32
C THR H 59 -23.48 30.72 -5.08
N LEU H 60 -23.27 31.41 -3.96
CA LEU H 60 -23.96 31.11 -2.71
C LEU H 60 -25.46 31.00 -2.90
N SER H 61 -25.99 31.79 -3.83
CA SER H 61 -27.40 31.77 -4.15
C SER H 61 -27.81 30.42 -4.73
N ASP H 62 -26.92 29.83 -5.54
CA ASP H 62 -27.19 28.56 -6.19
C ASP H 62 -27.51 27.46 -5.19
N TYR H 63 -26.89 27.52 -4.02
CA TYR H 63 -27.19 26.58 -2.94
C TYR H 63 -28.22 27.14 -1.97
N ASN H 64 -28.76 28.31 -2.29
CA ASN H 64 -29.81 28.94 -1.48
C ASN H 64 -29.32 29.23 -0.06
N ILE H 65 -28.13 29.80 0.02
CA ILE H 65 -27.55 30.23 1.28
C ILE H 65 -27.94 31.67 1.55
N GLN H 66 -28.52 31.93 2.73
CA GLN H 66 -29.11 33.22 3.00
C GLN H 66 -28.41 33.99 4.13
N LYS H 67 -28.96 35.15 4.48
CA LYS H 67 -28.41 35.96 5.55
C LYS H 67 -28.38 35.15 6.83
N GLU H 68 -27.22 35.14 7.47
CA GLU H 68 -26.97 34.42 8.72
C GLU H 68 -27.05 32.90 8.60
N SER H 69 -26.86 32.39 7.39
CA SER H 69 -26.71 30.95 7.20
C SER H 69 -25.35 30.47 7.73
N THR H 70 -25.24 29.18 7.97
CA THR H 70 -24.01 28.61 8.48
C THR H 70 -23.39 27.60 7.53
N LEU H 71 -22.10 27.78 7.24
CA LEU H 71 -21.32 26.85 6.44
C LEU H 71 -20.32 26.15 7.32
N HIS H 72 -19.98 24.90 7.00
CA HIS H 72 -19.04 24.15 7.82
C HIS H 72 -17.76 23.83 7.07
N LEU H 73 -16.64 24.23 7.66
CA LEU H 73 -15.35 24.03 7.02
C LEU H 73 -14.69 22.71 7.42
N VAL H 74 -14.23 21.99 6.41
CA VAL H 74 -13.49 20.74 6.57
C VAL H 74 -12.23 20.88 5.73
N LEU H 75 -11.15 20.25 6.15
CA LEU H 75 -9.91 20.29 5.37
C LEU H 75 -9.66 18.95 4.74
N ARG H 76 -8.94 18.93 3.62
CA ARG H 76 -8.78 17.69 2.86
C ARG H 76 -7.32 17.34 2.58
O1 U94 I . 10.90 27.39 -2.94
C2 U94 I . 10.70 28.27 -3.80
C3 U94 I . 11.72 28.43 -4.92
O4 U94 I . 9.73 29.06 -3.85
C5 U94 I . 11.48 27.37 -6.00
C6 U94 I . 12.48 27.58 -7.14
C7 U94 I . 12.22 26.61 -8.32
O8 U94 I . 11.57 29.74 -5.46
O9 U94 I . 10.16 27.54 -6.54
N10 U94 I . 13.85 27.50 -6.61
C11 U94 I . 14.71 28.51 -6.53
O12 U94 I . 14.51 29.64 -6.95
C13 U94 I . 16.07 28.16 -5.93
O14 U94 I . 15.58 27.40 -4.80
C15 U94 I . 16.64 26.87 -4.02
C16 U94 I . 13.01 27.01 -9.58
C17 U94 I . 12.23 27.35 -10.67
C18 U94 I . 12.82 27.75 -11.87
C19 U94 I . 14.20 27.75 -12.00
C20 U94 I . 14.97 27.55 -10.86
C21 U94 I . 14.40 27.10 -9.67
C22 U94 I . 14.71 28.29 -13.18
C23 U94 I . 14.11 28.07 -14.43
C24 U94 I . 14.70 28.60 -15.59
C25 U94 I . 15.90 29.30 -15.51
C26 U94 I . 16.51 29.47 -14.28
C27 U94 I . 15.95 28.91 -13.13
CL28 U94 I . 17.99 30.34 -14.19
CL29 U94 I . 13.97 28.40 -17.16
O1 U94 J . 28.66 -1.50 14.49
C2 U94 J . 27.80 -0.67 14.10
C3 U94 J . 26.57 -0.46 14.99
O4 U94 J . 27.84 -0.01 13.04
C5 U94 J . 25.36 -1.02 14.25
C6 U94 J . 24.06 -0.90 15.07
C7 U94 J . 22.87 -1.69 14.47
O8 U94 J . 26.75 -1.18 16.21
O9 U94 J . 25.62 -2.41 14.03
N10 U94 J . 23.71 0.50 15.39
C11 U94 J . 23.85 1.04 16.59
O12 U94 J . 24.22 0.42 17.59
C13 U94 J . 23.43 2.50 16.73
O14 U94 J . 23.65 3.18 15.48
C15 U94 J . 24.85 3.97 15.51
C16 U94 J . 21.70 -1.87 15.47
C17 U94 J . 21.27 -3.16 15.73
C18 U94 J . 20.23 -3.41 16.63
C19 U94 J . 19.57 -2.35 17.25
C20 U94 J . 20.08 -1.08 17.06
C21 U94 J . 21.08 -0.82 16.13
C22 U94 J . 18.60 -2.63 18.22
C23 U94 J . 17.86 -3.81 18.19
C24 U94 J . 16.89 -4.05 19.17
C25 U94 J . 16.62 -3.10 20.15
C26 U94 J . 17.33 -1.91 20.16
C27 U94 J . 18.28 -1.66 19.17
CL28 U94 J . 16.97 -0.76 21.40
CL29 U94 J . 15.97 -5.52 19.18
O1 U94 K . -16.68 -45.43 2.90
C2 U94 K . -17.07 -44.28 2.59
C3 U94 K . -16.47 -43.65 1.33
O4 U94 K . -17.91 -43.59 3.23
C5 U94 K . -15.75 -42.37 1.72
C6 U94 K . -15.11 -41.72 0.50
C7 U94 K . -14.29 -40.45 0.84
O8 U94 K . -15.53 -44.56 0.74
O9 U94 K . -14.65 -42.79 2.55
N10 U94 K . -16.06 -41.42 -0.57
C11 U94 K . -16.08 -42.14 -1.67
O12 U94 K . -15.28 -43.04 -1.90
C13 U94 K . -17.10 -41.77 -2.76
O14 U94 K . -18.22 -40.91 -2.40
C15 U94 K . -19.16 -41.52 -1.54
C16 U94 K . -13.36 -40.02 -0.29
C17 U94 K . -12.01 -40.17 0.00
C18 U94 K . -11.03 -39.83 -0.92
C19 U94 K . -11.37 -39.27 -2.13
C20 U94 K . -12.71 -39.25 -2.50
C21 U94 K . -13.72 -39.54 -1.55
C22 U94 K . -10.31 -39.10 -3.02
C23 U94 K . -9.09 -38.62 -2.55
C24 U94 K . -8.04 -38.41 -3.44
C25 U94 K . -8.21 -38.60 -4.80
C26 U94 K . -9.45 -39.02 -5.28
C27 U94 K . -10.51 -39.20 -4.40
CL28 U94 K . -9.69 -39.27 -6.97
CL29 U94 K . -6.49 -37.88 -2.88
O1 U94 L . -21.58 14.88 -9.71
C2 U94 L . -22.77 15.02 -9.39
C3 U94 L . -23.20 14.28 -8.14
O4 U94 L . -23.61 15.73 -9.98
C5 U94 L . -22.39 14.83 -6.98
C6 U94 L . -22.70 13.99 -5.75
C7 U94 L . -22.13 14.58 -4.45
O8 U94 L . -24.60 14.44 -7.85
O9 U94 L . -22.86 16.16 -6.74
N10 U94 L . -22.30 12.61 -6.06
C11 U94 L . -23.10 11.54 -6.03
O12 U94 L . -24.30 11.58 -5.74
C13 U94 L . -22.45 10.21 -6.38
O14 U94 L . -21.79 10.66 -7.59
C15 U94 L . -21.17 9.57 -8.26
C16 U94 L . -22.68 13.92 -3.18
C17 U94 L . -23.47 14.75 -2.40
C18 U94 L . -24.05 14.30 -1.23
C19 U94 L . -23.76 13.02 -0.74
C20 U94 L . -23.07 12.16 -1.60
C21 U94 L . -22.45 12.60 -2.77
C22 U94 L . -24.48 12.61 0.37
C23 U94 L . -24.62 13.44 1.48
C24 U94 L . -25.28 13.00 2.64
C25 U94 L . -25.71 11.67 2.73
C26 U94 L . -25.50 10.82 1.65
C27 U94 L . -24.81 11.27 0.52
CL28 U94 L . -26.02 9.17 1.71
CL29 U94 L . -25.55 14.06 3.98
#